data_5JFZ
#
_entry.id   5JFZ
#
_cell.length_a   154.778
_cell.length_b   64.402
_cell.length_c   87.884
_cell.angle_alpha   90.000
_cell.angle_beta   113.800
_cell.angle_gamma   90.000
#
_symmetry.space_group_name_H-M   'C 1 2 1'
#
loop_
_entity.id
_entity.type
_entity.pdbx_description
1 polymer 'Probable adenosine monophosphate-protein transferase fic'
2 polymer 'Uncharacterized protein YhfG'
3 water water
#
loop_
_entity_poly.entity_id
_entity_poly.type
_entity_poly.pdbx_seq_one_letter_code
_entity_poly.pdbx_strand_id
1 'polypeptide(L)'
;MGSSHHHHHHSQDPNSSSARLQVEMGDKFGEGRDPYLYPGLDIMRNRLNIHQQQRLEQAAYEMTALRAATIELGPLVRGL
PHLRTIHRQLYQDIFDWAGQLREVDIYQGDTPFCHFAYIEKEGNALMQDLEEEGYLVGLEKAKFVERLAHYYCEINVLHP
FRVGSGLAQRIFFEQLAIHAGYQLSWQGIEKEAWNQANQSGAMGDLTALQMIFSKVVSEAGESE
;
A,C,E
2 'polypeptide(L)' MAYPYDVPDYAAAVKKLTDKQKSRLWELQRNRNFQASRRLGGVEMPLVTLTAAEALARLEELRSHYER B,D,F
#
# COMPACT_ATOMS: atom_id res chain seq x y z
N ASP A 34 -0.18 33.26 -5.55
CA ASP A 34 -1.00 32.39 -6.53
C ASP A 34 -0.86 32.98 -7.94
N PRO A 35 0.01 32.38 -8.74
CA PRO A 35 0.31 32.92 -10.04
C PRO A 35 -0.81 32.73 -11.08
N TYR A 36 -1.89 32.06 -10.73
CA TYR A 36 -3.02 31.91 -11.67
C TYR A 36 -3.95 33.11 -11.67
N LEU A 37 -3.87 33.93 -10.62
CA LEU A 37 -4.74 35.11 -10.46
C LEU A 37 -4.18 36.30 -11.21
N TYR A 38 -5.03 37.18 -11.72
CA TYR A 38 -4.63 38.57 -12.01
C TYR A 38 -3.98 39.26 -10.81
N PRO A 39 -2.89 40.03 -11.03
CA PRO A 39 -2.21 40.81 -9.99
C PRO A 39 -3.08 41.52 -8.97
N GLY A 40 -4.01 42.34 -9.38
CA GLY A 40 -4.72 43.05 -8.30
C GLY A 40 -5.88 42.33 -7.60
N LEU A 41 -6.40 41.28 -8.22
CA LEU A 41 -7.74 40.83 -7.96
C LEU A 41 -7.79 39.39 -7.42
N ASP A 42 -9.00 38.97 -7.07
CA ASP A 42 -9.30 37.62 -6.64
C ASP A 42 -9.95 36.83 -7.76
N ILE A 43 -9.60 37.13 -9.02
CA ILE A 43 -10.15 36.44 -10.19
C ILE A 43 -8.99 35.76 -10.91
N MET A 44 -9.27 34.58 -11.49
CA MET A 44 -8.32 33.82 -12.31
C MET A 44 -8.05 34.51 -13.64
N ARG A 45 -6.78 34.62 -14.02
CA ARG A 45 -6.41 35.21 -15.30
C ARG A 45 -7.04 34.34 -16.35
N ASN A 46 -7.70 34.96 -17.31
CA ASN A 46 -8.47 34.20 -18.31
C ASN A 46 -8.40 34.84 -19.68
N ARG A 47 -8.58 34.04 -20.72
CA ARG A 47 -8.38 34.50 -22.09
C ARG A 47 -9.44 35.49 -22.61
N LEU A 48 -10.63 35.51 -22.00
CA LEU A 48 -11.70 36.47 -22.31
C LEU A 48 -11.53 37.80 -21.59
N ASN A 49 -10.49 37.90 -20.80
CA ASN A 49 -10.26 39.03 -19.95
C ASN A 49 -11.48 39.51 -19.22
N ILE A 50 -12.14 38.62 -18.50
CA ILE A 50 -13.28 38.99 -17.69
C ILE A 50 -12.86 39.21 -16.27
N HIS A 51 -13.28 40.33 -15.70
CA HIS A 51 -12.83 40.71 -14.38
C HIS A 51 -13.94 40.66 -13.34
N GLN A 52 -15.07 40.07 -13.66
CA GLN A 52 -16.12 39.85 -12.72
C GLN A 52 -16.30 38.34 -12.50
N GLN A 53 -16.49 37.93 -11.25
CA GLN A 53 -16.57 36.51 -10.85
C GLN A 53 -17.77 35.76 -11.48
N GLN A 54 -18.99 36.31 -11.34
CA GLN A 54 -20.21 35.71 -11.86
C GLN A 54 -20.16 35.51 -13.36
N ARG A 55 -19.70 36.51 -14.08
CA ARG A 55 -19.66 36.43 -15.53
C ARG A 55 -18.67 35.33 -15.97
N LEU A 56 -17.48 35.30 -15.37
CA LEU A 56 -16.44 34.33 -15.74
C LEU A 56 -16.92 32.89 -15.53
N GLU A 57 -17.52 32.62 -14.37
CA GLU A 57 -18.20 31.35 -14.12
C GLU A 57 -19.24 30.93 -15.20
N GLN A 58 -20.17 31.83 -15.55
CA GLN A 58 -21.16 31.58 -16.62
C GLN A 58 -20.54 31.22 -17.92
N ALA A 59 -19.58 32.01 -18.39
CA ALA A 59 -18.96 31.77 -19.71
C ALA A 59 -18.11 30.49 -19.68
N ALA A 60 -17.60 30.15 -18.51
CA ALA A 60 -16.81 28.96 -18.39
C ALA A 60 -17.72 27.72 -18.44
N TYR A 61 -18.87 27.78 -17.76
CA TYR A 61 -19.85 26.71 -17.85
C TYR A 61 -20.33 26.49 -19.27
N GLU A 62 -20.66 27.58 -19.97
CA GLU A 62 -21.13 27.47 -21.37
C GLU A 62 -20.08 26.97 -22.35
N MET A 63 -18.90 27.56 -22.31
CA MET A 63 -17.85 27.15 -23.20
C MET A 63 -17.30 25.75 -22.96
N THR A 64 -17.19 25.33 -21.69
CA THR A 64 -16.80 23.95 -21.38
C THR A 64 -17.87 22.97 -21.87
N ALA A 65 -19.11 23.33 -21.67
CA ALA A 65 -20.21 22.47 -22.08
C ALA A 65 -20.14 22.17 -23.57
N LEU A 66 -19.90 23.22 -24.37
CA LEU A 66 -19.81 23.05 -25.84
C LEU A 66 -18.54 22.35 -26.29
N ARG A 67 -17.42 22.62 -25.64
CA ARG A 67 -16.21 21.83 -25.91
C ARG A 67 -16.34 20.31 -25.63
N ALA A 68 -17.00 19.95 -24.55
CA ALA A 68 -17.29 18.56 -24.24
C ALA A 68 -18.07 17.85 -25.33
N ALA A 69 -18.94 18.60 -25.98
CA ALA A 69 -19.77 18.10 -27.07
C ALA A 69 -18.97 17.89 -28.34
N THR A 70 -17.66 18.20 -28.34
CA THR A 70 -16.74 17.92 -29.47
C THR A 70 -15.59 16.98 -29.14
N ILE A 71 -15.51 16.52 -27.90
CA ILE A 71 -14.43 15.61 -27.49
C ILE A 71 -14.70 14.20 -28.04
N GLU A 72 -13.68 13.58 -28.62
CA GLU A 72 -13.87 12.28 -29.26
C GLU A 72 -13.45 11.21 -28.27
N LEU A 73 -13.66 9.95 -28.58
CA LEU A 73 -13.47 8.90 -27.58
C LEU A 73 -12.02 8.77 -27.16
N GLY A 74 -11.11 8.79 -28.11
CA GLY A 74 -9.71 8.71 -27.82
C GLY A 74 -9.29 7.26 -27.75
N PRO A 75 -7.97 7.03 -27.56
CA PRO A 75 -7.32 5.72 -27.66
C PRO A 75 -7.55 4.83 -26.47
N LEU A 76 -7.40 3.52 -26.67
CA LEU A 76 -7.46 2.55 -25.59
C LEU A 76 -6.26 2.79 -24.72
N VAL A 77 -5.10 2.83 -25.35
CA VAL A 77 -3.83 3.14 -24.68
C VAL A 77 -3.81 4.60 -24.27
N ARG A 78 -3.96 4.86 -22.95
CA ARG A 78 -4.11 6.23 -22.45
C ARG A 78 -3.42 6.47 -21.14
N GLY A 79 -2.68 7.57 -21.07
CA GLY A 79 -2.01 8.00 -19.85
C GLY A 79 -2.21 9.46 -19.51
N LEU A 80 -1.22 10.00 -18.80
CA LEU A 80 -1.30 11.37 -18.33
C LEU A 80 -1.42 12.34 -19.49
N PRO A 81 -0.66 12.11 -20.60
CA PRO A 81 -0.84 12.94 -21.77
C PRO A 81 -2.28 13.06 -22.28
N HIS A 82 -3.03 11.96 -22.25
CA HIS A 82 -4.38 11.98 -22.75
C HIS A 82 -5.32 12.73 -21.81
N LEU A 83 -5.10 12.57 -20.49
CA LEU A 83 -5.89 13.32 -19.47
C LEU A 83 -5.67 14.81 -19.69
N ARG A 84 -4.41 15.17 -19.90
CA ARG A 84 -4.03 16.54 -20.21
C ARG A 84 -4.68 17.03 -21.49
N THR A 85 -4.61 16.17 -22.52
CA THR A 85 -5.27 16.50 -23.77
C THR A 85 -6.75 16.79 -23.52
N ILE A 86 -7.41 16.01 -22.65
CA ILE A 86 -8.84 16.25 -22.40
C ILE A 86 -9.10 17.62 -21.75
N HIS A 87 -8.21 17.98 -20.85
CA HIS A 87 -8.37 19.21 -20.10
C HIS A 87 -8.06 20.44 -20.99
N ARG A 88 -7.09 20.30 -21.89
CA ARG A 88 -6.83 21.33 -22.93
C ARG A 88 -8.04 21.58 -23.77
N GLN A 89 -8.66 20.51 -24.28
CA GLN A 89 -9.85 20.68 -25.11
C GLN A 89 -10.99 21.35 -24.35
N LEU A 90 -11.24 20.91 -23.12
CA LEU A 90 -12.32 21.55 -22.34
C LEU A 90 -12.16 23.03 -22.11
N TYR A 91 -10.95 23.44 -21.68
CA TYR A 91 -10.68 24.79 -21.16
C TYR A 91 -9.88 25.73 -22.06
N GLN A 92 -9.55 25.33 -23.28
CA GLN A 92 -8.66 26.11 -24.16
C GLN A 92 -9.14 27.56 -24.41
N ASP A 93 -10.44 27.82 -24.35
CA ASP A 93 -11.00 29.14 -24.55
C ASP A 93 -10.92 30.01 -23.30
N ILE A 94 -10.76 29.39 -22.14
CA ILE A 94 -10.81 30.12 -20.89
C ILE A 94 -9.41 30.39 -20.30
N PHE A 95 -8.48 29.45 -20.40
CA PHE A 95 -7.19 29.54 -19.72
C PHE A 95 -6.03 29.27 -20.63
N ASP A 96 -5.06 30.18 -20.69
CA ASP A 96 -3.76 29.95 -21.36
C ASP A 96 -2.96 28.73 -20.86
N TRP A 97 -3.24 28.23 -19.65
CA TRP A 97 -2.48 27.06 -19.10
C TRP A 97 -3.28 25.72 -19.27
N ALA A 98 -4.37 25.75 -20.00
CA ALA A 98 -5.17 24.55 -20.24
C ALA A 98 -4.35 23.39 -20.81
N GLY A 99 -4.35 22.25 -20.12
CA GLY A 99 -3.61 21.05 -20.51
C GLY A 99 -2.33 20.90 -19.69
N GLN A 100 -1.99 21.91 -18.89
CA GLN A 100 -0.81 21.81 -18.02
C GLN A 100 -1.18 21.43 -16.66
N LEU A 101 -0.23 20.73 -16.02
CA LEU A 101 -0.38 20.22 -14.67
C LEU A 101 -0.27 21.33 -13.68
N ARG A 102 -1.06 21.21 -12.61
CA ARG A 102 -1.11 22.18 -11.51
C ARG A 102 0.25 22.60 -11.03
N GLU A 103 0.47 23.91 -10.85
CA GLU A 103 1.77 24.43 -10.40
C GLU A 103 1.79 25.11 -9.01
N VAL A 104 0.67 25.12 -8.28
CA VAL A 104 0.69 25.44 -6.86
C VAL A 104 -0.03 24.40 -6.02
N ASP A 105 0.25 24.42 -4.73
CA ASP A 105 -0.53 23.73 -3.72
C ASP A 105 -1.48 24.78 -3.18
N ILE A 106 -2.77 24.48 -3.17
CA ILE A 106 -3.76 25.55 -2.94
C ILE A 106 -4.70 25.39 -1.72
N PRO A 112 -6.57 16.03 1.37
CA PRO A 112 -5.20 15.70 0.98
C PRO A 112 -5.09 15.65 -0.51
N PHE A 113 -3.97 16.15 -1.00
CA PHE A 113 -3.72 16.31 -2.44
C PHE A 113 -2.20 16.29 -2.67
N CYS A 114 -1.77 15.77 -3.80
CA CYS A 114 -0.37 15.62 -4.07
C CYS A 114 0.26 17.00 -4.24
N HIS A 115 1.38 17.20 -3.55
CA HIS A 115 2.26 18.33 -3.80
C HIS A 115 2.53 18.43 -5.30
N PHE A 116 2.45 19.65 -5.84
CA PHE A 116 2.34 19.88 -7.27
C PHE A 116 3.52 19.29 -8.07
N ALA A 117 4.71 19.35 -7.49
CA ALA A 117 5.95 18.99 -8.19
C ALA A 117 6.09 17.47 -8.31
N TYR A 118 5.24 16.71 -7.62
CA TYR A 118 5.29 15.29 -7.77
C TYR A 118 4.15 14.74 -8.61
N ILE A 119 3.28 15.58 -9.13
CA ILE A 119 2.10 15.12 -9.87
C ILE A 119 2.47 14.29 -11.10
N GLU A 120 3.40 14.80 -11.88
CA GLU A 120 3.80 14.09 -13.09
C GLU A 120 4.38 12.74 -12.70
N LYS A 121 5.29 12.70 -11.73
CA LYS A 121 5.94 11.42 -11.33
C LYS A 121 4.89 10.39 -10.90
N GLU A 122 4.06 10.73 -9.91
CA GLU A 122 3.03 9.80 -9.42
C GLU A 122 1.87 9.49 -10.38
N GLY A 123 1.57 10.43 -11.30
CA GLY A 123 0.53 10.24 -12.29
C GLY A 123 1.03 9.29 -13.36
N ASN A 124 2.27 9.45 -13.79
CA ASN A 124 2.86 8.47 -14.71
C ASN A 124 2.99 7.09 -14.05
N ALA A 125 3.44 7.04 -12.82
CA ALA A 125 3.46 5.77 -12.11
C ALA A 125 2.05 5.10 -12.06
N LEU A 126 1.01 5.89 -11.83
CA LEU A 126 -0.32 5.36 -11.69
C LEU A 126 -0.79 4.80 -13.00
N MET A 127 -0.60 5.58 -14.05
CA MET A 127 -1.01 5.24 -15.39
C MET A 127 -0.21 4.06 -15.97
N GLN A 128 1.07 3.93 -15.63
CA GLN A 128 1.85 2.73 -15.99
C GLN A 128 1.22 1.47 -15.39
N ASP A 129 0.70 1.58 -14.18
CA ASP A 129 0.00 0.47 -13.52
C ASP A 129 -1.32 0.09 -14.20
N LEU A 130 -2.06 1.10 -14.63
CA LEU A 130 -3.29 0.89 -15.36
C LEU A 130 -3.01 0.13 -16.67
N GLU A 131 -1.87 0.44 -17.25
CA GLU A 131 -1.42 -0.21 -18.47
C GLU A 131 -1.14 -1.65 -18.20
N GLU A 132 -0.42 -1.92 -17.12
CA GLU A 132 -0.14 -3.29 -16.73
C GLU A 132 -1.40 -4.14 -16.56
N GLU A 133 -2.51 -3.56 -16.09
CA GLU A 133 -3.83 -4.23 -15.96
C GLU A 133 -4.71 -4.12 -17.22
N GLY A 134 -4.07 -3.79 -18.32
CA GLY A 134 -4.71 -3.62 -19.61
C GLY A 134 -5.89 -2.69 -19.63
N TYR A 135 -5.83 -1.61 -18.85
CA TYR A 135 -6.87 -0.56 -18.85
C TYR A 135 -8.20 -1.14 -18.43
N LEU A 136 -8.14 -2.20 -17.61
CA LEU A 136 -9.33 -2.76 -16.94
C LEU A 136 -10.24 -3.52 -17.91
N VAL A 137 -9.73 -3.78 -19.10
CA VAL A 137 -10.46 -4.37 -20.18
C VAL A 137 -10.59 -5.85 -19.79
N GLY A 138 -11.74 -6.45 -20.06
CA GLY A 138 -11.93 -7.87 -19.78
C GLY A 138 -12.19 -8.25 -18.33
N LEU A 139 -12.88 -7.41 -17.59
CA LEU A 139 -13.14 -7.72 -16.18
C LEU A 139 -14.61 -7.92 -15.97
N GLU A 140 -14.94 -8.83 -15.05
CA GLU A 140 -16.33 -8.99 -14.68
C GLU A 140 -16.72 -7.77 -13.87
N LYS A 141 -17.99 -7.45 -13.91
CA LYS A 141 -18.51 -6.26 -13.29
C LYS A 141 -17.92 -5.86 -11.92
N ALA A 142 -17.97 -6.78 -10.95
CA ALA A 142 -17.61 -6.45 -9.59
C ALA A 142 -16.12 -6.07 -9.48
N LYS A 143 -15.24 -6.77 -10.22
CA LYS A 143 -13.82 -6.42 -10.27
C LYS A 143 -13.61 -5.10 -10.96
N PHE A 144 -14.37 -4.86 -12.02
CA PHE A 144 -14.24 -3.62 -12.75
C PHE A 144 -14.57 -2.50 -11.82
N VAL A 145 -15.65 -2.65 -11.08
CA VAL A 145 -16.14 -1.58 -10.16
C VAL A 145 -15.07 -1.31 -9.11
N GLU A 146 -14.46 -2.38 -8.63
CA GLU A 146 -13.46 -2.34 -7.57
C GLU A 146 -12.19 -1.65 -8.05
N ARG A 147 -11.71 -1.99 -9.25
CA ARG A 147 -10.55 -1.33 -9.82
C ARG A 147 -10.88 0.11 -10.29
N LEU A 148 -12.04 0.36 -10.89
CA LEU A 148 -12.37 1.75 -11.24
C LEU A 148 -12.36 2.72 -10.05
N ALA A 149 -12.98 2.28 -8.95
CA ALA A 149 -13.01 3.01 -7.72
C ALA A 149 -11.60 3.33 -7.24
N HIS A 150 -10.73 2.34 -7.23
CA HIS A 150 -9.33 2.53 -6.90
C HIS A 150 -8.64 3.59 -7.79
N TYR A 151 -8.72 3.44 -9.11
CA TYR A 151 -8.05 4.35 -10.00
C TYR A 151 -8.70 5.73 -9.95
N TYR A 152 -10.02 5.80 -9.74
CA TYR A 152 -10.66 7.13 -9.62
C TYR A 152 -10.18 7.84 -8.38
N CYS A 153 -10.09 7.11 -7.28
CA CYS A 153 -9.69 7.70 -6.02
C CYS A 153 -8.28 8.23 -6.08
N GLU A 154 -7.36 7.43 -6.67
CA GLU A 154 -5.94 7.81 -6.75
C GLU A 154 -5.76 8.99 -7.67
N ILE A 155 -6.40 9.04 -8.83
CA ILE A 155 -6.21 10.23 -9.66
C ILE A 155 -6.83 11.47 -8.98
N ASN A 156 -8.01 11.31 -8.40
CA ASN A 156 -8.65 12.41 -7.73
C ASN A 156 -7.78 13.04 -6.66
N VAL A 157 -7.17 12.21 -5.82
CA VAL A 157 -6.28 12.73 -4.78
C VAL A 157 -5.07 13.43 -5.40
N LEU A 158 -4.66 12.98 -6.58
CA LEU A 158 -3.49 13.55 -7.24
C LEU A 158 -3.77 15.05 -7.60
N HIS A 159 -5.04 15.30 -7.96
CA HIS A 159 -5.59 16.64 -8.25
C HIS A 159 -4.73 17.36 -9.28
N PRO A 160 -4.62 16.77 -10.47
CA PRO A 160 -3.57 17.18 -11.40
C PRO A 160 -3.76 18.57 -12.06
N PHE A 161 -4.96 19.10 -12.02
CA PHE A 161 -5.24 20.43 -12.64
C PHE A 161 -5.72 21.47 -11.66
N ARG A 162 -5.47 22.73 -11.94
CA ARG A 162 -5.71 23.81 -10.98
C ARG A 162 -7.20 23.99 -10.82
N VAL A 163 -7.92 23.63 -11.88
CA VAL A 163 -9.36 23.80 -11.98
C VAL A 163 -9.79 22.78 -13.01
N GLY A 164 -10.90 22.12 -12.76
CA GLY A 164 -11.39 21.24 -13.77
C GLY A 164 -10.88 19.86 -13.65
N SER A 165 -10.19 19.50 -12.57
CA SER A 165 -9.74 18.12 -12.42
C SER A 165 -10.87 17.05 -12.49
N GLY A 166 -11.94 17.24 -11.72
CA GLY A 166 -13.02 16.26 -11.61
C GLY A 166 -13.69 16.03 -12.94
N LEU A 167 -13.84 17.11 -13.71
CA LEU A 167 -14.48 17.07 -15.03
C LEU A 167 -13.63 16.30 -16.05
N ALA A 168 -12.37 16.68 -16.17
CA ALA A 168 -11.45 15.95 -17.02
C ALA A 168 -11.33 14.54 -16.57
N GLN A 169 -11.28 14.30 -15.26
CA GLN A 169 -11.18 12.91 -14.76
C GLN A 169 -12.37 12.04 -15.17
N ARG A 170 -13.58 12.52 -14.97
CA ARG A 170 -14.72 11.69 -15.26
C ARG A 170 -14.84 11.44 -16.77
N ILE A 171 -14.44 12.39 -17.61
CA ILE A 171 -14.40 12.13 -19.04
C ILE A 171 -13.41 10.99 -19.41
N PHE A 172 -12.22 11.02 -18.85
CA PHE A 172 -11.21 9.99 -19.03
C PHE A 172 -11.77 8.59 -18.70
N PHE A 173 -12.51 8.49 -17.59
CA PHE A 173 -13.07 7.17 -17.20
C PHE A 173 -14.40 6.79 -17.91
N GLU A 174 -15.19 7.76 -18.32
CA GLU A 174 -16.30 7.48 -19.16
C GLU A 174 -15.77 6.75 -20.38
N GLN A 175 -14.73 7.35 -20.98
CA GLN A 175 -14.08 6.83 -22.18
C GLN A 175 -13.37 5.47 -21.99
N LEU A 176 -12.56 5.36 -20.92
CA LEU A 176 -11.97 4.05 -20.51
C LEU A 176 -13.03 2.97 -20.29
N ALA A 177 -14.15 3.32 -19.69
CA ALA A 177 -15.20 2.33 -19.40
C ALA A 177 -15.75 1.76 -20.72
N ILE A 178 -16.06 2.63 -21.68
CA ILE A 178 -16.51 2.26 -23.00
C ILE A 178 -15.50 1.37 -23.73
N HIS A 179 -14.20 1.65 -23.60
CA HIS A 179 -13.19 0.77 -24.21
C HIS A 179 -13.13 -0.60 -23.51
N ALA A 180 -13.65 -0.70 -22.28
CA ALA A 180 -13.58 -1.97 -21.55
C ALA A 180 -14.89 -2.75 -21.60
N GLY A 181 -15.87 -2.29 -22.37
CA GLY A 181 -17.15 -3.00 -22.50
C GLY A 181 -18.23 -2.48 -21.56
N TYR A 182 -17.94 -1.43 -20.82
CA TYR A 182 -18.89 -0.85 -19.89
C TYR A 182 -19.26 0.59 -20.25
N GLN A 183 -20.18 1.16 -19.49
CA GLN A 183 -20.55 2.55 -19.65
C GLN A 183 -20.95 3.15 -18.32
N LEU A 184 -20.65 4.44 -18.17
CA LEU A 184 -20.86 5.19 -16.95
C LEU A 184 -22.05 6.13 -17.11
N SER A 185 -22.89 6.18 -16.08
CA SER A 185 -23.90 7.22 -15.96
C SER A 185 -23.97 7.80 -14.53
N TRP A 186 -23.78 9.12 -14.44
CA TRP A 186 -23.73 9.85 -13.19
C TRP A 186 -25.13 10.34 -12.78
N GLN A 187 -26.18 9.85 -13.41
CA GLN A 187 -27.53 10.44 -13.32
C GLN A 187 -28.17 10.43 -11.94
N GLY A 188 -28.12 9.30 -11.25
CA GLY A 188 -28.85 9.27 -9.99
C GLY A 188 -28.16 9.79 -8.73
N ILE A 189 -26.97 10.39 -8.86
CA ILE A 189 -26.05 10.42 -7.73
C ILE A 189 -26.13 11.75 -7.03
N GLU A 190 -26.39 11.74 -5.73
CA GLU A 190 -26.49 12.98 -4.94
C GLU A 190 -25.11 13.57 -4.73
N LYS A 191 -25.05 14.88 -4.81
CA LYS A 191 -23.83 15.64 -4.60
C LYS A 191 -23.09 15.19 -3.31
N GLU A 192 -23.85 15.04 -2.22
CA GLU A 192 -23.29 14.88 -0.87
C GLU A 192 -22.71 13.48 -0.69
N ALA A 193 -23.41 12.49 -1.26
CA ALA A 193 -22.90 11.13 -1.28
C ALA A 193 -21.60 11.02 -2.08
N TRP A 194 -21.51 11.70 -3.22
CA TRP A 194 -20.33 11.64 -4.12
C TRP A 194 -19.13 12.14 -3.36
N ASN A 195 -19.26 13.31 -2.76
CA ASN A 195 -18.18 13.88 -1.95
C ASN A 195 -17.74 13.02 -0.79
N GLN A 196 -18.70 12.57 0.02
CA GLN A 196 -18.41 11.71 1.18
C GLN A 196 -17.69 10.47 0.74
N ALA A 197 -18.13 9.89 -0.35
CA ALA A 197 -17.58 8.66 -0.80
C ALA A 197 -16.12 8.87 -1.30
N ASN A 198 -15.86 9.99 -1.99
CA ASN A 198 -14.47 10.40 -2.30
C ASN A 198 -13.65 10.78 -1.07
N GLN A 199 -14.28 11.28 -0.04
CA GLN A 199 -13.56 11.67 1.16
C GLN A 199 -13.07 10.40 1.87
N SER A 200 -13.88 9.35 1.95
CA SER A 200 -13.46 8.20 2.71
C SER A 200 -12.55 7.33 1.88
N GLY A 201 -12.75 7.37 0.57
CA GLY A 201 -11.80 6.75 -0.34
C GLY A 201 -10.37 7.28 -0.18
N ALA A 202 -10.17 8.59 -0.08
CA ALA A 202 -8.83 9.15 0.08
C ALA A 202 -8.19 8.70 1.42
N MET A 203 -9.05 8.31 2.38
CA MET A 203 -8.63 7.81 3.68
C MET A 203 -8.43 6.29 3.72
N GLY A 204 -8.69 5.60 2.60
CA GLY A 204 -8.35 4.19 2.49
C GLY A 204 -9.53 3.25 2.55
N ASP A 205 -10.73 3.78 2.67
CA ASP A 205 -11.94 2.97 2.67
C ASP A 205 -12.74 3.26 1.42
N LEU A 206 -12.69 2.33 0.46
CA LEU A 206 -13.29 2.52 -0.88
C LEU A 206 -14.74 2.04 -0.97
N THR A 207 -15.29 1.52 0.16
CA THR A 207 -16.69 0.97 0.24
C THR A 207 -17.80 1.90 -0.32
N ALA A 208 -17.89 3.14 0.12
CA ALA A 208 -18.92 4.05 -0.41
C ALA A 208 -18.71 4.42 -1.87
N LEU A 209 -17.48 4.52 -2.32
CA LEU A 209 -17.22 4.79 -3.75
C LEU A 209 -17.52 3.56 -4.60
N GLN A 210 -17.29 2.38 -4.02
CA GLN A 210 -17.64 1.14 -4.69
C GLN A 210 -19.15 1.00 -4.91
N MET A 211 -19.92 1.30 -3.87
CA MET A 211 -21.40 1.27 -3.96
C MET A 211 -21.90 2.25 -5.02
N ILE A 212 -21.34 3.45 -5.02
CA ILE A 212 -21.69 4.42 -6.04
C ILE A 212 -21.37 3.89 -7.46
N PHE A 213 -20.18 3.29 -7.63
CA PHE A 213 -19.79 2.80 -8.94
C PHE A 213 -20.57 1.58 -9.44
N SER A 214 -21.15 0.78 -8.53
CA SER A 214 -21.93 -0.37 -8.99
C SER A 214 -23.30 0.06 -9.55
N LYS A 215 -23.78 1.25 -9.15
CA LYS A 215 -24.87 1.95 -9.84
C LYS A 215 -24.46 2.77 -11.12
N VAL A 216 -23.30 3.40 -11.11
CA VAL A 216 -22.83 4.18 -12.24
C VAL A 216 -22.40 3.31 -13.43
N VAL A 217 -21.81 2.14 -13.16
CA VAL A 217 -21.41 1.18 -14.19
C VAL A 217 -22.58 0.27 -14.62
N SER A 218 -22.65 -0.02 -15.94
CA SER A 218 -23.61 -0.97 -16.49
C SER A 218 -23.14 -1.61 -17.80
N GLU A 219 -23.95 -2.52 -18.31
CA GLU A 219 -23.77 -3.27 -19.57
C GLU A 219 -22.56 -4.16 -19.50
N THR B 18 -16.30 -3.24 -33.28
CA THR B 18 -16.54 -2.67 -31.91
C THR B 18 -15.94 -1.27 -31.86
N ASP B 19 -14.86 -0.97 -32.61
CA ASP B 19 -14.30 0.41 -32.59
C ASP B 19 -15.21 1.50 -33.14
N LYS B 20 -15.95 1.24 -34.21
CA LYS B 20 -17.04 2.16 -34.59
C LYS B 20 -18.24 2.06 -33.63
N GLN B 21 -18.50 0.89 -33.04
CA GLN B 21 -19.62 0.75 -32.07
C GLN B 21 -19.33 1.58 -30.79
N LYS B 22 -18.06 1.55 -30.40
CA LYS B 22 -17.59 2.33 -29.26
C LYS B 22 -17.65 3.84 -29.49
N SER B 23 -17.15 4.29 -30.63
CA SER B 23 -17.22 5.72 -30.96
C SER B 23 -18.64 6.23 -31.01
N ARG B 24 -19.55 5.46 -31.62
CA ARG B 24 -20.94 5.94 -31.76
C ARG B 24 -21.60 6.01 -30.37
N LEU B 25 -21.25 5.11 -29.49
CA LEU B 25 -21.81 5.11 -28.12
C LEU B 25 -21.29 6.32 -27.36
N TRP B 26 -20.02 6.64 -27.59
CA TRP B 26 -19.44 7.87 -27.04
C TRP B 26 -20.22 9.10 -27.46
N GLU B 27 -20.45 9.22 -28.77
CA GLU B 27 -21.09 10.40 -29.32
C GLU B 27 -22.52 10.61 -28.82
N LEU B 28 -23.21 9.50 -28.58
CA LEU B 28 -24.58 9.52 -28.14
C LEU B 28 -24.68 9.77 -26.63
N GLN B 29 -23.66 9.46 -25.84
CA GLN B 29 -23.76 9.69 -24.39
C GLN B 29 -23.02 10.90 -23.84
N ARG B 30 -22.07 11.44 -24.57
CA ARG B 30 -21.06 12.34 -23.98
C ARG B 30 -21.64 13.61 -23.40
N ASN B 31 -22.72 14.15 -23.99
CA ASN B 31 -23.31 15.38 -23.52
C ASN B 31 -24.20 15.18 -22.36
N ARG B 32 -24.97 14.11 -22.39
CA ARG B 32 -25.74 13.68 -21.21
C ARG B 32 -24.77 13.49 -20.02
N ASN B 33 -23.62 12.87 -20.26
CA ASN B 33 -22.65 12.70 -19.20
C ASN B 33 -22.17 14.01 -18.67
N PHE B 34 -21.84 14.92 -19.56
CA PHE B 34 -21.20 16.16 -19.14
C PHE B 34 -22.15 16.94 -18.27
N GLN B 35 -23.44 16.98 -18.64
CA GLN B 35 -24.48 17.59 -17.78
C GLN B 35 -24.58 16.95 -16.41
N ALA B 36 -24.63 15.64 -16.38
CA ALA B 36 -24.74 14.95 -15.08
C ALA B 36 -23.43 15.01 -14.27
N SER B 37 -22.29 15.07 -14.96
CA SER B 37 -21.01 15.21 -14.25
C SER B 37 -20.91 16.59 -13.58
N ARG B 38 -21.42 17.59 -14.28
CA ARG B 38 -21.43 18.97 -13.78
C ARG B 38 -22.42 19.11 -12.60
N ARG B 39 -23.53 18.41 -12.67
CA ARG B 39 -24.52 18.35 -11.57
C ARG B 39 -23.93 17.63 -10.31
N LEU B 40 -22.90 16.82 -10.47
CA LEU B 40 -22.20 16.21 -9.36
C LEU B 40 -21.49 17.27 -8.50
N GLY B 41 -20.93 18.27 -9.17
CA GLY B 41 -20.32 19.42 -8.50
C GLY B 41 -21.30 20.52 -8.11
N GLY B 42 -22.60 20.27 -8.28
CA GLY B 42 -23.62 21.19 -7.80
C GLY B 42 -24.13 22.26 -8.75
N VAL B 43 -24.01 22.07 -10.06
CA VAL B 43 -24.48 23.10 -10.99
C VAL B 43 -25.32 22.48 -12.11
N GLU B 44 -26.52 23.04 -12.30
CA GLU B 44 -27.48 22.58 -13.31
C GLU B 44 -27.32 23.46 -14.54
N MET B 45 -26.79 22.92 -15.64
CA MET B 45 -26.81 23.61 -16.93
C MET B 45 -27.76 22.91 -17.87
N PRO B 46 -28.23 23.63 -18.88
CA PRO B 46 -29.00 22.94 -19.94
C PRO B 46 -28.17 21.82 -20.58
N LEU B 47 -28.84 20.78 -21.07
CA LEU B 47 -28.20 19.75 -21.87
C LEU B 47 -27.82 20.39 -23.20
N VAL B 48 -26.63 20.10 -23.67
CA VAL B 48 -26.22 20.48 -24.98
C VAL B 48 -26.76 19.46 -25.98
N THR B 49 -27.64 19.91 -26.89
CA THR B 49 -28.21 19.03 -27.93
C THR B 49 -27.52 19.16 -29.27
N LEU B 50 -26.55 20.05 -29.34
CA LEU B 50 -25.87 20.37 -30.59
C LEU B 50 -24.92 19.30 -31.01
N THR B 51 -24.65 19.22 -32.30
CA THR B 51 -23.63 18.33 -32.84
C THR B 51 -22.30 19.02 -32.62
N ALA B 52 -21.21 18.28 -32.78
CA ALA B 52 -19.87 18.86 -32.67
C ALA B 52 -19.73 20.14 -33.50
N ALA B 53 -19.97 20.04 -34.81
CA ALA B 53 -19.81 21.19 -35.72
C ALA B 53 -20.72 22.39 -35.37
N GLU B 54 -21.93 22.10 -34.93
CA GLU B 54 -22.83 23.16 -34.45
C GLU B 54 -22.26 23.79 -33.17
N ALA B 55 -21.70 22.96 -32.29
CA ALA B 55 -21.14 23.46 -31.02
C ALA B 55 -19.87 24.28 -31.30
N LEU B 56 -19.09 23.90 -32.32
CA LEU B 56 -17.91 24.70 -32.72
C LEU B 56 -18.27 26.09 -33.23
N ALA B 57 -19.34 26.18 -34.01
CA ALA B 57 -19.87 27.48 -34.48
C ALA B 57 -20.40 28.31 -33.34
N ARG B 58 -21.06 27.67 -32.39
CA ARG B 58 -21.59 28.40 -31.24
C ARG B 58 -20.45 28.93 -30.35
N LEU B 59 -19.34 28.20 -30.28
CA LEU B 59 -18.17 28.65 -29.52
C LEU B 59 -17.61 29.96 -30.07
N GLU B 60 -17.43 30.05 -31.39
CA GLU B 60 -17.01 31.30 -32.01
C GLU B 60 -18.02 32.47 -31.79
N GLU B 61 -19.31 32.18 -31.76
CA GLU B 61 -20.30 33.20 -31.40
C GLU B 61 -20.16 33.65 -29.94
N LEU B 62 -19.89 32.71 -29.03
CA LEU B 62 -19.80 33.06 -27.61
C LEU B 62 -18.52 33.83 -27.32
N ARG B 63 -17.46 33.49 -28.05
CA ARG B 63 -16.22 34.26 -27.97
C ARG B 63 -16.43 35.71 -28.36
N SER B 64 -17.25 35.97 -29.37
CA SER B 64 -17.51 37.34 -29.79
C SER B 64 -18.28 38.07 -28.73
N HIS B 65 -19.23 37.40 -28.11
CA HIS B 65 -20.03 38.03 -27.06
C HIS B 65 -19.22 38.29 -25.75
N TYR B 66 -18.24 37.43 -25.46
CA TYR B 66 -17.60 37.27 -24.12
C TYR B 66 -18.61 36.80 -23.05
N ASP C 34 14.42 13.27 1.31
CA ASP C 34 13.14 13.21 2.09
C ASP C 34 12.12 14.01 1.32
N PRO C 35 11.04 13.37 0.81
CA PRO C 35 10.11 14.09 -0.05
C PRO C 35 9.18 15.04 0.71
N TYR C 36 9.23 15.00 2.03
CA TYR C 36 8.38 15.86 2.83
C TYR C 36 8.96 17.25 3.00
N LEU C 37 10.27 17.35 2.76
CA LEU C 37 11.04 18.60 2.95
C LEU C 37 11.02 19.48 1.73
N TYR C 38 11.18 20.78 1.92
CA TYR C 38 11.28 21.69 0.79
C TYR C 38 12.59 21.29 0.07
N PRO C 39 12.66 21.49 -1.26
CA PRO C 39 13.94 21.34 -1.98
C PRO C 39 15.15 22.01 -1.28
N GLY C 40 15.08 23.32 -1.10
CA GLY C 40 16.19 24.12 -0.61
C GLY C 40 16.54 23.93 0.87
N LEU C 41 15.53 23.72 1.69
CA LEU C 41 15.68 23.89 3.13
C LEU C 41 15.49 22.54 3.79
N ASP C 42 15.77 22.42 5.09
CA ASP C 42 15.36 21.22 5.83
C ASP C 42 14.21 21.47 6.82
N ILE C 43 13.23 22.16 6.28
CA ILE C 43 11.95 22.35 6.91
C ILE C 43 10.94 21.52 6.09
N MET C 44 9.97 20.95 6.79
CA MET C 44 8.88 20.23 6.14
C MET C 44 8.06 21.21 5.28
N ARG C 45 7.81 20.87 4.02
CA ARG C 45 6.86 21.64 3.24
C ARG C 45 5.55 21.79 4.01
N ASN C 46 5.04 23.02 4.05
CA ASN C 46 3.84 23.29 4.85
C ASN C 46 2.94 24.30 4.14
N ARG C 47 1.64 24.17 4.38
CA ARG C 47 0.62 25.04 3.74
C ARG C 47 0.69 26.49 4.18
N LEU C 48 1.46 26.79 5.21
CA LEU C 48 1.48 28.12 5.75
C LEU C 48 2.61 28.91 5.15
N ASN C 49 3.41 28.25 4.32
CA ASN C 49 4.65 28.81 3.76
C ASN C 49 5.61 29.45 4.72
N ILE C 50 5.86 28.73 5.81
CA ILE C 50 6.76 29.18 6.85
C ILE C 50 8.12 28.52 6.73
N HIS C 51 9.18 29.31 6.62
CA HIS C 51 10.49 28.75 6.36
C HIS C 51 11.42 28.63 7.54
N GLN C 52 10.92 28.88 8.73
CA GLN C 52 11.78 28.89 9.88
C GLN C 52 11.23 27.90 10.90
N GLN C 53 12.07 26.98 11.34
CA GLN C 53 11.63 25.88 12.14
C GLN C 53 10.79 26.30 13.32
N GLN C 54 11.32 27.17 14.19
CA GLN C 54 10.63 27.64 15.39
C GLN C 54 9.20 28.21 15.12
N ARG C 55 9.05 29.01 14.08
CA ARG C 55 7.75 29.55 13.68
C ARG C 55 6.74 28.43 13.28
N LEU C 56 7.19 27.47 12.48
CA LEU C 56 6.35 26.34 12.06
C LEU C 56 5.85 25.46 13.23
N GLU C 57 6.73 25.20 14.19
CA GLU C 57 6.32 24.48 15.40
C GLU C 57 5.22 25.18 16.17
N GLN C 58 5.41 26.47 16.40
CA GLN C 58 4.44 27.27 17.14
C GLN C 58 3.05 27.23 16.47
N ALA C 59 2.97 27.54 15.18
CA ALA C 59 1.70 27.45 14.45
C ALA C 59 1.11 26.04 14.39
N ALA C 60 1.95 25.02 14.32
CA ALA C 60 1.44 23.64 14.30
C ALA C 60 0.82 23.26 15.65
N TYR C 61 1.49 23.64 16.74
CA TYR C 61 0.95 23.35 18.08
C TYR C 61 -0.39 24.04 18.31
N GLU C 62 -0.49 25.31 17.95
CA GLU C 62 -1.71 26.05 18.16
C GLU C 62 -2.87 25.53 17.31
N MET C 63 -2.64 25.27 16.03
CA MET C 63 -3.70 24.86 15.12
C MET C 63 -4.16 23.43 15.32
N THR C 64 -3.25 22.55 15.72
CA THR C 64 -3.65 21.18 16.05
C THR C 64 -4.52 21.15 17.31
N ALA C 65 -4.14 21.97 18.26
CA ALA C 65 -4.85 22.10 19.52
C ALA C 65 -6.28 22.56 19.30
N LEU C 66 -6.46 23.54 18.42
CA LEU C 66 -7.78 24.06 18.03
C LEU C 66 -8.57 23.03 17.25
N ARG C 67 -7.90 22.26 16.39
CA ARG C 67 -8.59 21.19 15.65
C ARG C 67 -9.03 20.06 16.57
N ALA C 68 -8.24 19.72 17.57
CA ALA C 68 -8.65 18.70 18.54
C ALA C 68 -9.94 19.06 19.22
N ALA C 69 -10.14 20.35 19.41
CA ALA C 69 -11.37 20.86 20.04
C ALA C 69 -12.60 20.75 19.14
N THR C 70 -12.41 20.27 17.89
CA THR C 70 -13.50 20.03 16.94
C THR C 70 -13.75 18.56 16.53
N ILE C 71 -12.86 17.65 16.91
CA ILE C 71 -12.97 16.26 16.52
C ILE C 71 -14.09 15.60 17.32
N GLU C 72 -14.98 14.89 16.64
CA GLU C 72 -16.09 14.18 17.28
C GLU C 72 -15.65 12.79 17.72
N LEU C 73 -16.50 12.12 18.48
CA LEU C 73 -16.21 10.80 19.05
C LEU C 73 -15.95 9.77 17.97
N GLY C 74 -16.77 9.77 16.93
CA GLY C 74 -16.62 8.78 15.86
C GLY C 74 -17.31 7.48 16.17
N PRO C 75 -17.31 6.55 15.20
CA PRO C 75 -17.99 5.29 15.34
C PRO C 75 -17.31 4.25 16.25
N LEU C 76 -18.13 3.32 16.79
CA LEU C 76 -17.67 2.11 17.48
C LEU C 76 -16.79 1.29 16.55
N VAL C 77 -17.33 0.98 15.37
CA VAL C 77 -16.56 0.29 14.34
C VAL C 77 -15.47 1.22 13.73
N ARG C 78 -14.21 0.89 14.01
CA ARG C 78 -13.10 1.75 13.66
C ARG C 78 -11.87 0.96 13.19
N GLY C 79 -11.22 1.44 12.13
CA GLY C 79 -10.04 0.81 11.57
C GLY C 79 -9.05 1.87 11.12
N LEU C 80 -8.19 1.52 10.17
CA LEU C 80 -7.14 2.40 9.68
C LEU C 80 -7.72 3.70 9.07
N PRO C 81 -8.85 3.59 8.33
CA PRO C 81 -9.43 4.79 7.73
C PRO C 81 -9.78 5.84 8.75
N HIS C 82 -10.36 5.39 9.87
CA HIS C 82 -10.71 6.30 10.98
C HIS C 82 -9.48 6.95 11.60
N LEU C 83 -8.37 6.21 11.69
CA LEU C 83 -7.12 6.70 12.29
C LEU C 83 -6.61 7.79 11.40
N ARG C 84 -6.65 7.47 10.13
CA ARG C 84 -6.29 8.44 9.08
C ARG C 84 -7.19 9.68 9.08
N THR C 85 -8.49 9.46 9.26
CA THR C 85 -9.43 10.57 9.36
C THR C 85 -9.08 11.49 10.52
N ILE C 86 -8.79 10.93 11.69
CA ILE C 86 -8.33 11.78 12.82
C ILE C 86 -7.07 12.59 12.46
N HIS C 87 -6.07 11.93 11.87
CA HIS C 87 -4.83 12.61 11.48
C HIS C 87 -5.06 13.74 10.47
N ARG C 88 -5.91 13.48 9.50
CA ARG C 88 -6.38 14.53 8.59
C ARG C 88 -7.00 15.77 9.29
N GLN C 89 -7.95 15.55 10.19
CA GLN C 89 -8.58 16.63 10.91
C GLN C 89 -7.55 17.42 11.70
N LEU C 90 -6.72 16.73 12.48
CA LEU C 90 -5.64 17.43 13.22
C LEU C 90 -4.72 18.34 12.38
N TYR C 91 -4.21 17.81 11.25
CA TYR C 91 -3.11 18.46 10.53
C TYR C 91 -3.45 19.19 9.23
N GLN C 92 -4.73 19.20 8.85
CA GLN C 92 -5.20 19.77 7.57
C GLN C 92 -4.72 21.19 7.29
N ASP C 93 -4.53 22.00 8.30
CA ASP C 93 -4.03 23.39 8.09
C ASP C 93 -2.50 23.43 7.87
N ILE C 94 -1.79 22.35 8.22
CA ILE C 94 -0.32 22.36 8.21
C ILE C 94 0.26 21.64 7.00
N PHE C 95 -0.31 20.46 6.67
CA PHE C 95 0.33 19.56 5.72
C PHE C 95 -0.63 19.15 4.63
N ASP C 96 -0.16 19.24 3.41
CA ASP C 96 -0.94 18.79 2.28
C ASP C 96 -1.12 17.30 2.24
N TRP C 97 -0.34 16.56 3.04
CA TRP C 97 -0.40 15.12 3.04
C TRP C 97 -1.15 14.57 4.28
N ALA C 98 -1.84 15.44 5.02
CA ALA C 98 -2.55 14.99 6.23
C ALA C 98 -3.58 13.92 5.92
N GLY C 99 -3.55 12.84 6.68
CA GLY C 99 -4.46 11.71 6.58
C GLY C 99 -3.77 10.60 5.78
N GLN C 100 -2.64 10.89 5.19
CA GLN C 100 -1.93 9.92 4.39
C GLN C 100 -0.81 9.18 5.10
N LEU C 101 -0.72 7.90 4.81
CA LEU C 101 0.26 7.02 5.41
C LEU C 101 1.66 7.38 4.94
N ARG C 102 2.62 7.31 5.84
CA ARG C 102 4.03 7.52 5.62
C ARG C 102 4.59 6.80 4.41
N GLU C 103 5.38 7.52 3.61
CA GLU C 103 6.04 6.95 2.43
C GLU C 103 7.58 6.94 2.45
N VAL C 104 8.23 7.25 3.59
CA VAL C 104 9.66 6.98 3.81
C VAL C 104 9.88 6.24 5.10
N ASP C 105 11.13 5.85 5.36
CA ASP C 105 11.51 5.09 6.57
C ASP C 105 12.21 5.85 7.74
N PRO C 112 12.74 1.20 16.32
CA PRO C 112 12.46 -0.07 15.57
C PRO C 112 11.02 -0.13 14.97
N PHE C 113 10.89 -0.19 13.64
CA PHE C 113 9.68 0.27 12.99
C PHE C 113 9.39 -0.39 11.66
N CYS C 114 8.11 -0.41 11.28
CA CYS C 114 7.67 -1.06 10.05
C CYS C 114 8.21 -0.33 8.83
N HIS C 115 8.78 -1.08 7.89
CA HIS C 115 9.14 -0.52 6.61
C HIS C 115 7.85 0.08 5.96
N PHE C 116 7.94 1.25 5.36
CA PHE C 116 6.73 1.96 4.97
C PHE C 116 5.78 1.14 4.04
N ALA C 117 6.34 0.32 3.15
CA ALA C 117 5.52 -0.46 2.22
C ALA C 117 4.58 -1.46 2.85
N TYR C 118 4.80 -1.88 4.09
CA TYR C 118 3.88 -2.85 4.72
C TYR C 118 2.88 -2.24 5.69
N ILE C 119 2.91 -0.91 5.87
CA ILE C 119 1.99 -0.24 6.78
C ILE C 119 0.51 -0.56 6.52
N GLU C 120 0.04 -0.42 5.32
CA GLU C 120 -1.39 -0.48 5.10
C GLU C 120 -1.84 -1.86 5.38
N LYS C 121 -1.11 -2.83 4.85
CA LYS C 121 -1.50 -4.26 5.03
C LYS C 121 -1.43 -4.70 6.47
N GLU C 122 -0.35 -4.41 7.17
CA GLU C 122 -0.18 -4.77 8.58
C GLU C 122 -1.16 -4.06 9.52
N GLY C 123 -1.43 -2.79 9.18
CA GLY C 123 -2.41 -1.98 9.89
C GLY C 123 -3.81 -2.56 9.74
N ASN C 124 -4.18 -2.93 8.53
CA ASN C 124 -5.46 -3.56 8.30
C ASN C 124 -5.64 -4.90 9.02
N ALA C 125 -4.57 -5.67 9.11
CA ALA C 125 -4.62 -6.97 9.80
C ALA C 125 -4.80 -6.77 11.30
N LEU C 126 -4.08 -5.81 11.86
CA LEU C 126 -4.22 -5.46 13.26
C LEU C 126 -5.63 -4.95 13.60
N MET C 127 -6.15 -4.11 12.72
CA MET C 127 -7.44 -3.50 12.97
C MET C 127 -8.49 -4.56 12.82
N GLN C 128 -8.24 -5.57 11.99
CA GLN C 128 -9.27 -6.59 11.82
C GLN C 128 -9.34 -7.43 13.09
N ASP C 129 -8.19 -7.74 13.66
CA ASP C 129 -8.11 -8.42 14.91
C ASP C 129 -8.85 -7.64 16.02
N LEU C 130 -8.70 -6.34 16.04
CA LEU C 130 -9.49 -5.52 17.00
C LEU C 130 -11.00 -5.68 16.83
N GLU C 131 -11.44 -5.80 15.59
CA GLU C 131 -12.83 -5.99 15.31
C GLU C 131 -13.24 -7.36 15.83
N GLU C 132 -12.37 -8.31 15.66
CA GLU C 132 -12.67 -9.65 16.09
C GLU C 132 -12.79 -9.72 17.62
N GLU C 133 -12.07 -8.86 18.33
CA GLU C 133 -12.22 -8.74 19.76
C GLU C 133 -13.30 -7.70 20.17
N GLY C 134 -14.24 -7.38 19.27
CA GLY C 134 -15.32 -6.44 19.57
C GLY C 134 -14.83 -5.08 20.09
N TYR C 135 -13.67 -4.62 19.59
CA TYR C 135 -13.07 -3.36 20.03
C TYR C 135 -12.96 -3.25 21.54
N LEU C 136 -12.68 -4.39 22.19
CA LEU C 136 -12.40 -4.41 23.62
C LEU C 136 -13.62 -4.10 24.48
N VAL C 137 -14.82 -4.15 23.94
CA VAL C 137 -16.03 -3.77 24.70
C VAL C 137 -16.42 -4.96 25.59
N GLY C 138 -16.91 -4.71 26.78
CA GLY C 138 -17.32 -5.80 27.67
C GLY C 138 -16.19 -6.53 28.39
N LEU C 139 -15.15 -5.81 28.82
CA LEU C 139 -14.00 -6.41 29.45
C LEU C 139 -13.75 -5.79 30.79
N GLU C 140 -13.34 -6.66 31.72
CA GLU C 140 -13.03 -6.27 33.05
C GLU C 140 -11.75 -5.47 32.95
N LYS C 141 -11.53 -4.60 33.92
CA LYS C 141 -10.45 -3.64 33.83
C LYS C 141 -9.12 -4.28 33.41
N ALA C 142 -8.71 -5.35 34.09
CA ALA C 142 -7.37 -5.96 33.93
C ALA C 142 -7.11 -6.48 32.52
N LYS C 143 -8.11 -7.14 31.95
CA LYS C 143 -8.05 -7.63 30.59
C LYS C 143 -8.03 -6.46 29.59
N PHE C 144 -8.92 -5.49 29.77
CA PHE C 144 -8.91 -4.25 28.96
C PHE C 144 -7.51 -3.62 28.92
N VAL C 145 -6.87 -3.49 30.08
CA VAL C 145 -5.56 -2.85 30.12
C VAL C 145 -4.53 -3.65 29.35
N GLU C 146 -4.66 -4.96 29.47
CA GLU C 146 -3.73 -5.89 28.84
C GLU C 146 -3.89 -5.80 27.31
N ARG C 147 -5.13 -5.79 26.83
CA ARG C 147 -5.40 -5.68 25.41
C ARG C 147 -5.06 -4.29 24.82
N LEU C 148 -5.42 -3.21 25.50
CA LEU C 148 -5.07 -1.87 25.03
C LEU C 148 -3.60 -1.66 24.92
N ALA C 149 -2.84 -2.17 25.86
CA ALA C 149 -1.38 -2.08 25.81
C ALA C 149 -0.82 -2.83 24.59
N HIS C 150 -1.29 -4.06 24.38
CA HIS C 150 -1.01 -4.78 23.15
C HIS C 150 -1.30 -3.91 21.87
N TYR C 151 -2.55 -3.51 21.70
CA TYR C 151 -2.95 -2.74 20.54
C TYR C 151 -2.24 -1.35 20.42
N TYR C 152 -1.97 -0.68 21.55
CA TYR C 152 -1.19 0.53 21.47
C TYR C 152 0.22 0.29 20.95
N CYS C 153 0.87 -0.72 21.51
CA CYS C 153 2.22 -1.08 21.12
C CYS C 153 2.27 -1.38 19.62
N GLU C 154 1.37 -2.24 19.14
CA GLU C 154 1.35 -2.59 17.71
C GLU C 154 1.15 -1.40 16.76
N ILE C 155 0.20 -0.50 17.03
CA ILE C 155 0.00 0.65 16.12
C ILE C 155 1.26 1.54 16.18
N ASN C 156 1.83 1.66 17.37
CA ASN C 156 2.99 2.47 17.56
C ASN C 156 4.21 1.96 16.78
N VAL C 157 4.46 0.65 16.80
CA VAL C 157 5.53 0.08 15.96
C VAL C 157 5.29 0.32 14.46
N LEU C 158 4.04 0.25 14.05
CA LEU C 158 3.66 0.66 12.70
C LEU C 158 4.09 2.07 12.35
N HIS C 159 3.91 3.00 13.29
CA HIS C 159 4.26 4.40 13.04
C HIS C 159 3.68 4.93 11.71
N PRO C 160 2.34 5.01 11.61
CA PRO C 160 1.74 5.17 10.28
C PRO C 160 1.89 6.50 9.59
N PHE C 161 2.17 7.56 10.35
CA PHE C 161 2.25 8.91 9.75
C PHE C 161 3.65 9.50 9.90
N ARG C 162 4.03 10.31 8.92
CA ARG C 162 5.35 10.90 8.93
C ARG C 162 5.59 11.76 10.17
N VAL C 163 4.52 12.43 10.64
CA VAL C 163 4.56 13.26 11.84
C VAL C 163 3.17 13.22 12.48
N GLY C 164 3.13 13.27 13.81
CA GLY C 164 1.88 13.16 14.58
C GLY C 164 1.27 11.76 14.67
N SER C 165 2.06 10.70 14.51
CA SER C 165 1.52 9.38 14.76
C SER C 165 1.03 9.21 16.19
N GLY C 166 1.81 9.63 17.18
CA GLY C 166 1.44 9.46 18.58
C GLY C 166 0.12 10.17 18.91
N LEU C 167 -0.04 11.39 18.38
CA LEU C 167 -1.24 12.21 18.66
C LEU C 167 -2.47 11.57 18.06
N ALA C 168 -2.37 11.17 16.81
CA ALA C 168 -3.51 10.50 16.21
C ALA C 168 -3.83 9.19 16.91
N GLN C 169 -2.81 8.44 17.28
CA GLN C 169 -3.01 7.13 17.92
C GLN C 169 -3.70 7.34 19.29
N ARG C 170 -3.28 8.33 20.05
CA ARG C 170 -3.89 8.51 21.35
C ARG C 170 -5.35 8.97 21.28
N ILE C 171 -5.69 9.89 20.37
CA ILE C 171 -7.10 10.23 20.20
C ILE C 171 -7.93 8.99 19.83
N PHE C 172 -7.39 8.13 18.94
CA PHE C 172 -8.08 6.92 18.45
C PHE C 172 -8.43 6.02 19.62
N PHE C 173 -7.45 5.84 20.51
CA PHE C 173 -7.69 4.99 21.70
C PHE C 173 -8.48 5.65 22.84
N GLU C 174 -8.39 6.97 22.98
CA GLU C 174 -9.27 7.71 23.88
C GLU C 174 -10.69 7.49 23.51
N GLN C 175 -10.99 7.51 22.22
CA GLN C 175 -12.36 7.34 21.73
C GLN C 175 -12.81 5.90 21.91
N LEU C 176 -11.92 4.98 21.61
CA LEU C 176 -12.22 3.56 21.76
C LEU C 176 -12.56 3.23 23.22
N ALA C 177 -11.88 3.86 24.17
CA ALA C 177 -12.08 3.56 25.59
C ALA C 177 -13.50 3.90 25.98
N ILE C 178 -13.94 5.07 25.51
CA ILE C 178 -15.32 5.53 25.80
C ILE C 178 -16.40 4.61 25.21
N HIS C 179 -16.16 4.06 24.03
CA HIS C 179 -17.12 3.09 23.43
C HIS C 179 -17.11 1.77 24.19
N ALA C 180 -16.03 1.50 24.93
CA ALA C 180 -15.90 0.27 25.70
C ALA C 180 -16.25 0.44 27.20
N GLY C 181 -16.78 1.60 27.59
CA GLY C 181 -17.15 1.84 28.97
C GLY C 181 -16.05 2.32 29.87
N TYR C 182 -14.90 2.68 29.31
CA TYR C 182 -13.79 3.24 30.08
C TYR C 182 -13.53 4.67 29.69
N GLN C 183 -12.55 5.27 30.34
CA GLN C 183 -12.00 6.56 29.95
C GLN C 183 -10.47 6.61 30.16
N LEU C 184 -9.77 7.40 29.33
CA LEU C 184 -8.31 7.52 29.40
C LEU C 184 -7.91 8.88 29.86
N SER C 185 -6.85 8.98 30.66
CA SER C 185 -6.25 10.25 31.03
C SER C 185 -4.73 10.18 30.98
N TRP C 186 -4.09 11.13 30.32
CA TRP C 186 -2.65 11.14 30.21
C TRP C 186 -2.00 12.08 31.23
N GLN C 187 -2.82 12.54 32.19
CA GLN C 187 -2.49 13.59 33.16
C GLN C 187 -1.24 13.29 33.95
N GLY C 188 -1.17 12.11 34.56
CA GLY C 188 -0.02 11.81 35.43
C GLY C 188 1.35 11.51 34.81
N ILE C 189 1.37 11.18 33.53
CA ILE C 189 2.39 10.32 32.97
C ILE C 189 3.60 11.09 32.52
N GLU C 190 4.80 10.63 32.86
CA GLU C 190 6.04 11.35 32.54
C GLU C 190 6.50 10.91 31.19
N LYS C 191 6.99 11.88 30.39
CA LYS C 191 7.47 11.69 29.01
C LYS C 191 8.41 10.53 28.84
N GLU C 192 9.38 10.45 29.75
CA GLU C 192 10.49 9.54 29.61
C GLU C 192 10.06 8.12 29.93
N ALA C 193 9.25 7.95 30.97
CA ALA C 193 8.68 6.61 31.27
C ALA C 193 7.78 6.08 30.15
N TRP C 194 6.99 6.98 29.56
CA TRP C 194 6.08 6.66 28.46
C TRP C 194 6.88 6.11 27.29
N ASN C 195 7.88 6.87 26.82
CA ASN C 195 8.78 6.39 25.73
C ASN C 195 9.44 5.03 26.01
N GLN C 196 10.05 4.92 27.19
CA GLN C 196 10.76 3.72 27.57
C GLN C 196 9.83 2.52 27.57
N ALA C 197 8.64 2.70 28.10
CA ALA C 197 7.67 1.60 28.18
C ALA C 197 7.22 1.14 26.77
N ASN C 198 7.06 2.07 25.84
CA ASN C 198 6.81 1.72 24.46
C ASN C 198 8.04 1.10 23.81
N GLN C 199 9.25 1.54 24.18
CA GLN C 199 10.47 0.92 23.61
C GLN C 199 10.63 -0.56 23.98
N SER C 200 10.47 -0.90 25.25
CA SER C 200 10.57 -2.31 25.65
C SER C 200 9.36 -3.15 25.16
N GLY C 201 8.19 -2.52 24.99
CA GLY C 201 7.04 -3.17 24.37
C GLY C 201 7.32 -3.61 22.94
N ALA C 202 7.95 -2.74 22.18
CA ALA C 202 8.38 -3.03 20.84
C ALA C 202 9.40 -4.20 20.77
N MET C 203 10.19 -4.39 21.84
CA MET C 203 11.14 -5.49 21.97
C MET C 203 10.57 -6.67 22.80
N GLY C 204 9.24 -6.76 22.85
CA GLY C 204 8.58 -7.97 23.30
C GLY C 204 8.18 -8.04 24.76
N ASP C 205 8.51 -7.03 25.57
CA ASP C 205 8.09 -6.99 26.97
C ASP C 205 7.08 -5.85 27.19
N LEU C 206 5.82 -6.22 27.36
CA LEU C 206 4.73 -5.25 27.51
C LEU C 206 4.49 -4.78 28.96
N THR C 207 5.24 -5.32 29.92
CA THR C 207 5.00 -5.09 31.36
C THR C 207 4.93 -3.62 31.80
N ALA C 208 5.94 -2.82 31.50
CA ALA C 208 5.93 -1.39 31.83
C ALA C 208 4.80 -0.56 31.18
N LEU C 209 4.44 -0.91 29.96
CA LEU C 209 3.31 -0.27 29.28
C LEU C 209 1.95 -0.71 29.88
N GLN C 210 1.87 -1.95 30.34
CA GLN C 210 0.66 -2.44 30.97
C GLN C 210 0.42 -1.71 32.29
N MET C 211 1.50 -1.55 33.07
CA MET C 211 1.44 -0.78 34.29
C MET C 211 1.04 0.68 34.01
N ILE C 212 1.64 1.34 33.03
CA ILE C 212 1.23 2.71 32.67
C ILE C 212 -0.27 2.81 32.37
N PHE C 213 -0.79 1.88 31.57
CA PHE C 213 -2.22 1.86 31.25
C PHE C 213 -3.13 1.50 32.41
N SER C 214 -2.66 0.75 33.40
CA SER C 214 -3.53 0.48 34.56
C SER C 214 -3.80 1.79 35.36
N LYS C 215 -2.87 2.75 35.32
CA LYS C 215 -3.07 4.13 35.81
C LYS C 215 -3.89 5.00 34.84
N VAL C 216 -3.59 4.94 33.54
CA VAL C 216 -4.34 5.70 32.50
C VAL C 216 -5.83 5.36 32.39
N VAL C 217 -6.17 4.10 32.67
CA VAL C 217 -7.52 3.61 32.49
C VAL C 217 -8.35 3.70 33.78
N SER C 218 -9.60 4.12 33.65
CA SER C 218 -10.50 4.20 34.76
C SER C 218 -11.94 4.06 34.32
N GLU C 219 -12.77 3.68 35.28
CA GLU C 219 -14.25 3.68 35.22
C GLU C 219 -14.84 2.51 34.52
N THR D 18 -27.01 5.66 25.93
CA THR D 18 -25.52 5.73 26.09
C THR D 18 -24.84 6.48 24.91
N ASP D 19 -25.44 6.48 23.71
CA ASP D 19 -24.79 7.21 22.60
C ASP D 19 -24.71 8.70 22.86
N LYS D 20 -25.79 9.31 23.32
CA LYS D 20 -25.71 10.73 23.78
C LYS D 20 -24.79 10.92 24.99
N GLN D 21 -24.74 9.90 25.83
CA GLN D 21 -23.91 9.93 27.03
C GLN D 21 -22.44 9.92 26.65
N LYS D 22 -22.10 9.14 25.64
CA LYS D 22 -20.70 8.97 25.23
C LYS D 22 -20.21 10.23 24.58
N SER D 23 -21.09 10.83 23.77
CA SER D 23 -20.83 12.10 23.11
C SER D 23 -20.54 13.23 24.07
N ARG D 24 -21.37 13.37 25.11
CA ARG D 24 -21.15 14.38 26.17
C ARG D 24 -19.81 14.16 26.85
N LEU D 25 -19.52 12.92 27.16
CA LEU D 25 -18.29 12.62 27.87
C LEU D 25 -17.07 12.91 27.00
N TRP D 26 -17.17 12.62 25.70
CA TRP D 26 -16.08 12.96 24.79
C TRP D 26 -15.81 14.47 24.75
N GLU D 27 -16.89 15.25 24.54
CA GLU D 27 -16.80 16.72 24.49
C GLU D 27 -16.24 17.32 25.76
N LEU D 28 -16.57 16.69 26.88
CA LEU D 28 -16.09 17.18 28.14
C LEU D 28 -14.66 16.82 28.43
N GLN D 29 -14.11 15.80 27.76
CA GLN D 29 -12.68 15.42 28.00
C GLN D 29 -11.69 15.69 26.87
N ARG D 30 -12.17 15.92 25.66
CA ARG D 30 -11.26 15.93 24.52
C ARG D 30 -10.16 16.96 24.60
N ASN D 31 -10.44 18.12 25.18
CA ASN D 31 -9.45 19.18 25.20
C ASN D 31 -8.38 18.93 26.24
N ARG D 32 -8.83 18.40 27.36
CA ARG D 32 -7.97 18.02 28.47
C ARG D 32 -7.00 16.93 27.99
N ASN D 33 -7.54 15.92 27.31
CA ASN D 33 -6.71 14.84 26.83
C ASN D 33 -5.66 15.39 25.89
N PHE D 34 -6.06 16.28 24.97
CA PHE D 34 -5.13 16.71 23.94
C PHE D 34 -3.97 17.51 24.53
N GLN D 35 -4.26 18.42 25.46
CA GLN D 35 -3.16 19.08 26.21
C GLN D 35 -2.19 18.09 26.88
N ALA D 36 -2.76 17.10 27.56
CA ALA D 36 -2.00 16.10 28.27
C ALA D 36 -1.21 15.18 27.33
N SER D 37 -1.85 14.81 26.23
CA SER D 37 -1.23 14.01 25.14
C SER D 37 -0.01 14.73 24.57
N ARG D 38 -0.17 16.01 24.38
CA ARG D 38 0.83 16.82 23.75
C ARG D 38 2.05 16.93 24.64
N ARG D 39 1.80 17.12 25.92
CA ARG D 39 2.85 17.10 26.92
C ARG D 39 3.66 15.78 26.93
N LEU D 40 3.03 14.68 26.55
CA LEU D 40 3.66 13.39 26.53
C LEU D 40 4.77 13.31 25.48
N GLY D 41 4.62 14.06 24.39
CA GLY D 41 5.70 14.23 23.39
C GLY D 41 6.58 15.46 23.64
N GLY D 42 6.52 15.99 24.87
CA GLY D 42 7.40 17.08 25.28
C GLY D 42 7.06 18.50 24.85
N VAL D 43 5.77 18.85 24.76
CA VAL D 43 5.37 20.26 24.54
C VAL D 43 4.15 20.66 25.37
N GLU D 44 4.29 21.74 26.14
CA GLU D 44 3.27 22.18 27.09
C GLU D 44 2.55 23.36 26.52
N MET D 45 1.23 23.28 26.35
CA MET D 45 0.42 24.38 25.76
C MET D 45 -0.80 24.66 26.62
N PRO D 46 -1.35 25.88 26.55
CA PRO D 46 -2.54 26.19 27.33
C PRO D 46 -3.76 25.33 26.95
N LEU D 47 -4.57 24.96 27.94
CA LEU D 47 -5.80 24.19 27.74
C LEU D 47 -6.78 24.92 26.85
N VAL D 48 -7.42 24.21 25.94
CA VAL D 48 -8.41 24.83 25.06
C VAL D 48 -9.77 24.72 25.71
N THR D 49 -10.38 25.88 25.95
CA THR D 49 -11.67 25.97 26.65
C THR D 49 -12.75 26.41 25.67
N LEU D 50 -12.36 26.59 24.40
CA LEU D 50 -13.29 26.97 23.38
C LEU D 50 -14.21 25.81 23.01
N THR D 51 -15.37 26.16 22.50
CA THR D 51 -16.28 25.19 21.91
C THR D 51 -15.79 24.89 20.49
N ALA D 52 -16.31 23.84 19.89
CA ALA D 52 -16.03 23.52 18.52
C ALA D 52 -16.26 24.74 17.60
N ALA D 53 -17.49 25.28 17.67
CA ALA D 53 -17.89 26.42 16.83
C ALA D 53 -16.97 27.60 16.99
N GLU D 54 -16.65 27.96 18.23
CA GLU D 54 -15.66 29.01 18.46
C GLU D 54 -14.29 28.65 17.91
N ALA D 55 -13.85 27.40 18.05
CA ALA D 55 -12.49 27.03 17.61
C ALA D 55 -12.37 27.10 16.09
N LEU D 56 -13.41 26.65 15.41
CA LEU D 56 -13.50 26.76 13.96
C LEU D 56 -13.34 28.22 13.52
N ALA D 57 -14.00 29.14 14.22
CA ALA D 57 -13.92 30.57 13.93
C ALA D 57 -12.50 31.11 14.14
N ARG D 58 -11.87 30.73 15.23
CA ARG D 58 -10.48 31.09 15.44
C ARG D 58 -9.50 30.53 14.34
N LEU D 59 -9.77 29.32 13.83
CA LEU D 59 -8.92 28.71 12.81
C LEU D 59 -8.92 29.52 11.49
N GLU D 60 -10.10 29.95 11.03
CA GLU D 60 -10.23 30.95 9.93
C GLU D 60 -9.37 32.22 10.13
N GLU D 61 -9.30 32.72 11.36
CA GLU D 61 -8.49 33.89 11.66
C GLU D 61 -7.03 33.55 11.55
N LEU D 62 -6.64 32.36 12.03
CA LEU D 62 -5.22 31.99 12.00
C LEU D 62 -4.77 31.68 10.57
N ARG D 63 -5.64 31.08 9.75
CA ARG D 63 -5.36 30.91 8.32
C ARG D 63 -4.82 32.23 7.69
N SER D 64 -5.35 33.37 8.13
CA SER D 64 -4.86 34.70 7.69
C SER D 64 -3.81 35.28 8.62
N ASP E 34 -2.59 -11.07 4.49
CA ASP E 34 -1.27 -11.43 3.87
C ASP E 34 -0.44 -10.17 3.55
N PRO E 35 0.58 -9.90 4.39
CA PRO E 35 1.34 -8.68 4.19
C PRO E 35 2.34 -8.76 3.03
N TYR E 36 2.54 -9.94 2.47
CA TYR E 36 3.39 -10.10 1.30
C TYR E 36 2.78 -9.55 -0.03
N LEU E 37 1.50 -9.26 -0.03
CA LEU E 37 0.77 -8.89 -1.23
C LEU E 37 0.57 -7.38 -1.34
N TYR E 38 0.67 -6.83 -2.55
CA TYR E 38 0.17 -5.46 -2.87
C TYR E 38 -1.27 -5.30 -2.36
N PRO E 39 -1.57 -4.17 -1.68
CA PRO E 39 -2.88 -3.95 -1.04
C PRO E 39 -4.15 -4.36 -1.80
N GLY E 40 -4.34 -3.97 -3.04
CA GLY E 40 -5.59 -4.37 -3.68
C GLY E 40 -5.53 -5.65 -4.50
N LEU E 41 -4.37 -6.25 -4.61
CA LEU E 41 -4.14 -7.33 -5.55
C LEU E 41 -3.81 -8.66 -4.87
N ASP E 42 -3.82 -9.72 -5.67
CA ASP E 42 -3.40 -11.06 -5.28
C ASP E 42 -1.99 -11.39 -5.87
N ILE E 43 -1.16 -10.38 -6.04
CA ILE E 43 0.19 -10.50 -6.53
C ILE E 43 1.13 -10.15 -5.36
N MET E 44 2.23 -10.88 -5.24
CA MET E 44 3.26 -10.57 -4.23
C MET E 44 4.12 -9.37 -4.57
N ARG E 45 4.31 -8.49 -3.59
CA ARG E 45 5.20 -7.36 -3.74
C ARG E 45 6.62 -7.81 -4.10
N ASN E 46 7.23 -7.17 -5.09
CA ASN E 46 8.54 -7.59 -5.60
C ASN E 46 9.35 -6.41 -6.13
N ARG E 47 10.67 -6.60 -6.25
CA ARG E 47 11.64 -5.50 -6.60
C ARG E 47 11.52 -5.01 -8.02
N LEU E 48 11.00 -5.87 -8.90
CA LEU E 48 10.81 -5.55 -10.31
C LEU E 48 9.58 -4.72 -10.60
N ASN E 49 8.78 -4.42 -9.57
CA ASN E 49 7.53 -3.67 -9.71
C ASN E 49 6.48 -4.28 -10.65
N ILE E 50 6.38 -5.60 -10.66
CA ILE E 50 5.49 -6.28 -11.59
C ILE E 50 4.17 -6.67 -10.94
N HIS E 51 3.07 -6.41 -11.62
CA HIS E 51 1.72 -6.66 -11.13
C HIS E 51 0.90 -7.63 -11.96
N GLN E 52 1.54 -8.45 -12.77
CA GLN E 52 0.84 -9.49 -13.52
C GLN E 52 1.45 -10.83 -13.09
N GLN E 53 0.61 -11.77 -12.68
CA GLN E 53 1.17 -13.03 -12.20
C GLN E 53 2.12 -13.72 -13.19
N GLN E 54 1.72 -13.80 -14.46
CA GLN E 54 2.47 -14.60 -15.44
C GLN E 54 3.87 -14.02 -15.61
N ARG E 55 3.95 -12.70 -15.73
CA ARG E 55 5.18 -12.02 -15.93
C ARG E 55 6.14 -12.21 -14.73
N LEU E 56 5.61 -12.12 -13.51
CA LEU E 56 6.42 -12.24 -12.31
C LEU E 56 7.00 -13.64 -12.18
N GLU E 57 6.14 -14.63 -12.37
CA GLU E 57 6.58 -16.02 -12.34
C GLU E 57 7.72 -16.24 -13.36
N GLN E 58 7.59 -15.66 -14.55
CA GLN E 58 8.55 -15.88 -15.63
C GLN E 58 9.91 -15.32 -15.26
N ALA E 59 9.92 -14.07 -14.78
CA ALA E 59 11.16 -13.39 -14.36
C ALA E 59 11.78 -14.10 -13.17
N ALA E 60 10.96 -14.65 -12.26
CA ALA E 60 11.49 -15.37 -11.09
C ALA E 60 12.10 -16.72 -11.48
N TYR E 61 11.45 -17.45 -12.37
CA TYR E 61 12.01 -18.72 -12.83
C TYR E 61 13.35 -18.51 -13.54
N GLU E 62 13.41 -17.53 -14.44
CA GLU E 62 14.64 -17.24 -15.17
C GLU E 62 15.80 -16.77 -14.26
N MET E 63 15.51 -15.76 -13.43
CA MET E 63 16.55 -15.12 -12.63
C MET E 63 17.02 -16.02 -11.50
N THR E 64 16.13 -16.81 -10.91
CA THR E 64 16.55 -17.72 -9.84
C THR E 64 17.50 -18.76 -10.43
N ALA E 65 17.12 -19.31 -11.58
CA ALA E 65 18.03 -20.20 -12.34
C ALA E 65 19.41 -19.59 -12.58
N LEU E 66 19.48 -18.33 -13.02
CA LEU E 66 20.80 -17.72 -13.23
C LEU E 66 21.60 -17.58 -11.92
N ARG E 67 20.90 -17.28 -10.82
CA ARG E 67 21.56 -17.10 -9.54
C ARG E 67 22.09 -18.41 -9.05
N ALA E 68 21.37 -19.46 -9.35
CA ALA E 68 21.78 -20.81 -8.94
C ALA E 68 23.12 -21.17 -9.58
N ALA E 69 23.35 -20.61 -10.75
CA ALA E 69 24.60 -20.83 -11.49
C ALA E 69 25.81 -20.15 -10.86
N THR E 70 25.58 -19.34 -9.82
CA THR E 70 26.65 -18.64 -9.11
C THR E 70 26.84 -19.07 -7.66
N ILE E 71 26.01 -19.99 -7.18
CA ILE E 71 26.12 -20.45 -5.82
C ILE E 71 27.27 -21.42 -5.70
N GLU E 72 28.14 -21.18 -4.75
CA GLU E 72 29.27 -22.04 -4.52
C GLU E 72 28.88 -23.09 -3.49
N LEU E 73 29.76 -24.06 -3.27
CA LEU E 73 29.46 -25.22 -2.48
C LEU E 73 29.23 -24.90 -1.01
N GLY E 74 30.05 -24.03 -0.43
CA GLY E 74 29.95 -23.61 0.98
C GLY E 74 30.55 -24.54 2.03
N PRO E 75 30.38 -24.22 3.32
CA PRO E 75 31.08 -24.89 4.38
C PRO E 75 30.51 -26.26 4.83
N LEU E 76 31.35 -27.07 5.48
CA LEU E 76 30.91 -28.33 6.08
C LEU E 76 29.97 -28.00 7.23
N VAL E 77 30.46 -27.14 8.13
CA VAL E 77 29.68 -26.65 9.26
C VAL E 77 28.58 -25.71 8.71
N ARG E 78 27.31 -26.18 8.76
CA ARG E 78 26.20 -25.44 8.15
C ARG E 78 24.93 -25.61 8.94
N GLY E 79 24.25 -24.49 9.11
CA GLY E 79 22.97 -24.45 9.83
C GLY E 79 21.97 -23.56 9.15
N LEU E 80 21.04 -23.05 9.95
CA LEU E 80 19.97 -22.18 9.49
C LEU E 80 20.45 -20.93 8.75
N PRO E 81 21.55 -20.26 9.23
CA PRO E 81 22.08 -19.09 8.45
C PRO E 81 22.60 -19.42 7.07
N HIS E 82 23.16 -20.61 6.90
CA HIS E 82 23.62 -20.98 5.56
C HIS E 82 22.43 -21.24 4.64
N LEU E 83 21.39 -21.88 5.19
CA LEU E 83 20.15 -22.06 4.44
C LEU E 83 19.58 -20.70 3.97
N ARG E 84 19.61 -19.73 4.88
CA ARG E 84 19.14 -18.39 4.63
C ARG E 84 19.96 -17.71 3.54
N THR E 85 21.28 -17.90 3.60
CA THR E 85 22.19 -17.45 2.55
C THR E 85 21.85 -18.06 1.17
N ILE E 86 21.56 -19.35 1.14
CA ILE E 86 21.10 -19.95 -0.12
C ILE E 86 19.85 -19.29 -0.68
N HIS E 87 18.88 -19.00 0.17
CA HIS E 87 17.65 -18.42 -0.27
C HIS E 87 17.82 -16.94 -0.64
N ARG E 88 18.66 -16.23 0.08
CA ARG E 88 19.01 -14.83 -0.30
C ARG E 88 19.67 -14.75 -1.70
N GLN E 89 20.65 -15.62 -1.96
CA GLN E 89 21.28 -15.69 -3.29
C GLN E 89 20.27 -15.95 -4.38
N LEU E 90 19.41 -16.94 -4.18
CA LEU E 90 18.39 -17.30 -5.19
C LEU E 90 17.42 -16.17 -5.50
N TYR E 91 16.85 -15.52 -4.49
CA TYR E 91 15.73 -14.61 -4.72
C TYR E 91 16.02 -13.14 -4.62
N GLN E 92 17.28 -12.77 -4.41
CA GLN E 92 17.68 -11.34 -4.22
C GLN E 92 17.19 -10.38 -5.26
N ASP E 93 17.07 -10.83 -6.50
CA ASP E 93 16.58 -9.95 -7.58
C ASP E 93 15.06 -9.67 -7.51
N ILE E 94 14.32 -10.61 -6.92
CA ILE E 94 12.85 -10.63 -6.87
C ILE E 94 12.23 -10.07 -5.59
N PHE E 95 12.77 -10.48 -4.44
CA PHE E 95 12.13 -10.13 -3.16
C PHE E 95 13.10 -9.47 -2.21
N ASP E 96 12.61 -8.42 -1.58
CA ASP E 96 13.38 -7.66 -0.64
C ASP E 96 13.64 -8.45 0.59
N TRP E 97 12.80 -9.44 0.83
CA TRP E 97 12.91 -10.17 2.07
C TRP E 97 13.75 -11.42 1.83
N ALA E 98 14.39 -11.53 0.67
CA ALA E 98 15.08 -12.78 0.36
C ALA E 98 16.04 -13.06 1.50
N GLY E 99 16.05 -14.30 1.97
CA GLY E 99 16.95 -14.75 3.01
C GLY E 99 16.28 -14.75 4.40
N GLN E 100 15.13 -14.08 4.49
CA GLN E 100 14.41 -13.96 5.75
C GLN E 100 13.41 -15.07 5.90
N LEU E 101 13.24 -15.53 7.15
CA LEU E 101 12.25 -16.57 7.48
C LEU E 101 10.81 -16.09 7.35
N ARG E 102 9.90 -17.03 7.12
CA ARG E 102 8.50 -16.71 6.85
C ARG E 102 7.87 -16.04 8.07
N GLU E 103 6.97 -15.08 7.81
CA GLU E 103 6.33 -14.23 8.83
C GLU E 103 4.79 -14.33 8.86
N VAL E 104 4.21 -15.22 8.03
CA VAL E 104 2.78 -15.59 8.13
C VAL E 104 2.59 -17.11 8.14
N ASP E 105 1.39 -17.53 8.54
CA ASP E 105 0.95 -18.90 8.39
C ASP E 105 -0.07 -18.82 7.30
N ILE E 106 0.05 -19.65 6.27
CA ILE E 106 -0.74 -19.38 5.06
C ILE E 106 -1.50 -20.58 4.46
N PRO E 112 0.65 -30.30 7.31
CA PRO E 112 1.04 -29.60 8.54
C PRO E 112 2.25 -28.70 8.32
N PHE E 113 2.21 -27.50 8.87
CA PHE E 113 3.39 -26.66 8.84
C PHE E 113 3.56 -25.92 10.15
N CYS E 114 4.81 -25.56 10.47
CA CYS E 114 5.21 -24.90 11.71
C CYS E 114 4.71 -23.47 11.73
N HIS E 115 4.15 -23.10 12.88
CA HIS E 115 3.68 -21.72 13.08
C HIS E 115 4.89 -20.76 12.85
N PHE E 116 4.68 -19.63 12.16
CA PHE E 116 5.83 -18.81 11.69
C PHE E 116 6.75 -18.35 12.79
N ALA E 117 6.18 -18.09 13.98
CA ALA E 117 6.99 -17.52 15.08
C ALA E 117 7.93 -18.52 15.72
N TYR E 118 7.80 -19.80 15.39
CA TYR E 118 8.63 -20.84 16.00
C TYR E 118 9.66 -21.44 15.02
N ILE E 119 9.73 -20.87 13.80
CA ILE E 119 10.62 -21.42 12.76
C ILE E 119 12.08 -21.41 13.20
N GLU E 120 12.51 -20.29 13.76
CA GLU E 120 13.91 -20.16 14.08
C GLU E 120 14.27 -21.14 15.20
N LYS E 121 13.48 -21.14 16.27
CA LYS E 121 13.78 -21.97 17.42
C LYS E 121 13.89 -23.46 17.03
N GLU E 122 12.90 -23.96 16.30
CA GLU E 122 12.89 -25.36 15.89
C GLU E 122 13.90 -25.72 14.82
N GLY E 123 14.19 -24.75 13.96
CA GLY E 123 15.21 -24.93 12.94
C GLY E 123 16.60 -24.99 13.55
N ASN E 124 16.93 -24.10 14.46
CA ASN E 124 18.22 -24.22 15.14
C ASN E 124 18.35 -25.54 15.90
N ALA E 125 17.30 -25.95 16.60
CA ALA E 125 17.25 -27.22 17.31
C ALA E 125 17.51 -28.40 16.37
N LEU E 126 16.95 -28.32 15.19
CA LEU E 126 17.14 -29.34 14.17
C LEU E 126 18.59 -29.37 13.74
N MET E 127 19.08 -28.20 13.39
CA MET E 127 20.46 -28.05 12.91
C MET E 127 21.47 -28.47 13.96
N GLN E 128 21.20 -28.22 15.24
CA GLN E 128 22.05 -28.67 16.34
C GLN E 128 22.18 -30.19 16.34
N ASP E 129 21.07 -30.89 16.14
CA ASP E 129 21.08 -32.35 16.01
C ASP E 129 21.88 -32.82 14.79
N LEU E 130 21.75 -32.09 13.67
CA LEU E 130 22.55 -32.37 12.48
C LEU E 130 24.07 -32.19 12.73
N GLU E 131 24.45 -31.18 13.51
CA GLU E 131 25.86 -30.97 13.89
C GLU E 131 26.34 -32.12 14.77
N GLU E 132 25.52 -32.50 15.76
CA GLU E 132 25.77 -33.68 16.61
C GLU E 132 26.03 -34.93 15.75
N GLU E 133 25.37 -35.07 14.60
CA GLU E 133 25.66 -36.19 13.71
C GLU E 133 26.77 -35.93 12.70
N GLY E 134 27.69 -35.02 13.03
CA GLY E 134 28.82 -34.67 12.18
C GLY E 134 28.38 -34.36 10.76
N TYR E 135 27.21 -33.76 10.60
CA TYR E 135 26.68 -33.47 9.26
C TYR E 135 26.67 -34.70 8.33
N LEU E 136 26.42 -35.86 8.95
CA LEU E 136 26.24 -37.13 8.24
C LEU E 136 27.50 -37.66 7.57
N VAL E 137 28.68 -37.16 7.96
CA VAL E 137 29.95 -37.53 7.29
C VAL E 137 30.42 -38.90 7.78
N GLY E 138 30.93 -39.73 6.86
CA GLY E 138 31.58 -41.01 7.21
C GLY E 138 30.61 -42.14 7.54
N LEU E 139 29.58 -42.28 6.71
CA LEU E 139 28.50 -43.22 6.92
C LEU E 139 28.34 -44.10 5.68
N GLU E 140 28.05 -45.37 5.88
CA GLU E 140 27.73 -46.23 4.76
C GLU E 140 26.39 -45.77 4.13
N LYS E 141 26.13 -46.18 2.88
CA LYS E 141 24.99 -45.68 2.13
C LYS E 141 23.65 -45.78 2.85
N ALA E 142 23.38 -46.94 3.42
CA ALA E 142 22.11 -47.22 4.09
C ALA E 142 21.78 -46.18 5.15
N LYS E 143 22.71 -45.99 6.08
CA LYS E 143 22.56 -45.02 7.15
C LYS E 143 22.37 -43.62 6.58
N PHE E 144 23.18 -43.30 5.58
CA PHE E 144 23.13 -41.99 4.99
C PHE E 144 21.72 -41.68 4.44
N VAL E 145 21.17 -42.61 3.68
CA VAL E 145 19.85 -42.43 3.13
C VAL E 145 18.79 -42.28 4.26
N GLU E 146 18.91 -43.08 5.31
CA GLU E 146 18.00 -42.99 6.48
C GLU E 146 18.04 -41.59 7.16
N ARG E 147 19.24 -41.07 7.44
CA ARG E 147 19.40 -39.77 8.09
C ARG E 147 19.03 -38.60 7.17
N LEU E 148 19.39 -38.70 5.91
CA LEU E 148 19.06 -37.66 4.97
C LEU E 148 17.56 -37.46 4.85
N ALA E 149 16.85 -38.59 4.81
CA ALA E 149 15.41 -38.57 4.67
C ALA E 149 14.77 -37.93 5.91
N HIS E 150 15.30 -38.30 7.06
CA HIS E 150 14.86 -37.72 8.33
C HIS E 150 15.05 -36.22 8.30
N TYR E 151 16.28 -35.78 8.02
CA TYR E 151 16.56 -34.34 8.03
C TYR E 151 15.79 -33.55 6.97
N TYR E 152 15.63 -34.11 5.79
CA TYR E 152 14.89 -33.41 4.75
C TYR E 152 13.44 -33.23 5.16
N CYS E 153 12.85 -34.29 5.70
CA CYS E 153 11.41 -34.24 6.05
C CYS E 153 11.11 -33.25 7.20
N GLU E 154 11.96 -33.23 8.23
CA GLU E 154 11.84 -32.29 9.36
C GLU E 154 11.91 -30.84 8.89
N ILE E 155 12.93 -30.52 8.07
CA ILE E 155 13.09 -29.15 7.55
C ILE E 155 11.95 -28.82 6.60
N ASN E 156 11.49 -29.81 5.83
CA ASN E 156 10.38 -29.55 4.90
C ASN E 156 9.06 -29.10 5.60
N VAL E 157 8.73 -29.78 6.67
CA VAL E 157 7.57 -29.49 7.50
C VAL E 157 7.68 -28.13 8.22
N LEU E 158 8.92 -27.71 8.46
CA LEU E 158 9.22 -26.41 9.04
C LEU E 158 8.81 -25.29 8.08
N HIS E 159 8.97 -25.54 6.77
CA HIS E 159 8.55 -24.58 5.73
C HIS E 159 9.13 -23.15 6.01
N PRO E 160 10.46 -23.03 6.14
CA PRO E 160 11.07 -21.84 6.65
C PRO E 160 10.92 -20.55 5.83
N PHE E 161 10.64 -20.63 4.53
CA PHE E 161 10.52 -19.46 3.71
C PHE E 161 9.12 -19.32 3.08
N ARG E 162 8.70 -18.08 2.83
CA ARG E 162 7.39 -17.77 2.24
C ARG E 162 7.19 -18.37 0.86
N VAL E 163 8.25 -18.36 0.06
CA VAL E 163 8.29 -18.91 -1.30
C VAL E 163 9.68 -19.50 -1.43
N GLY E 164 9.81 -20.68 -2.00
CA GLY E 164 11.13 -21.19 -2.38
C GLY E 164 11.75 -22.16 -1.39
N SER E 165 11.03 -22.57 -0.37
CA SER E 165 11.64 -23.48 0.61
C SER E 165 12.33 -24.74 0.01
N GLY E 166 11.65 -25.42 -0.92
CA GLY E 166 12.06 -26.73 -1.46
C GLY E 166 13.35 -26.60 -2.24
N LEU E 167 13.40 -25.56 -3.06
CA LEU E 167 14.61 -25.14 -3.78
C LEU E 167 15.82 -24.91 -2.87
N ALA E 168 15.63 -24.09 -1.83
CA ALA E 168 16.68 -23.85 -0.86
C ALA E 168 17.11 -25.12 -0.14
N GLN E 169 16.15 -25.93 0.25
CA GLN E 169 16.43 -27.13 1.04
C GLN E 169 17.22 -28.10 0.17
N ARG E 170 16.83 -28.29 -1.08
CA ARG E 170 17.48 -29.30 -1.88
C ARG E 170 18.93 -28.87 -2.18
N ILE E 171 19.13 -27.60 -2.48
CA ILE E 171 20.49 -27.10 -2.63
C ILE E 171 21.36 -27.37 -1.40
N PHE E 172 20.81 -27.06 -0.22
CA PHE E 172 21.47 -27.28 1.04
C PHE E 172 21.94 -28.73 1.19
N PHE E 173 21.09 -29.69 0.81
CA PHE E 173 21.50 -31.11 1.00
C PHE E 173 22.35 -31.67 -0.15
N GLU E 174 22.13 -31.20 -1.37
CA GLU E 174 23.09 -31.47 -2.44
C GLU E 174 24.51 -31.19 -1.93
N GLN E 175 24.68 -30.00 -1.35
CA GLN E 175 26.00 -29.56 -0.87
C GLN E 175 26.49 -30.38 0.35
N LEU E 176 25.64 -30.55 1.36
CA LEU E 176 25.92 -31.48 2.45
C LEU E 176 26.37 -32.89 2.01
N ALA E 177 25.75 -33.45 0.97
CA ALA E 177 26.09 -34.82 0.53
C ALA E 177 27.52 -34.86 0.00
N ILE E 178 27.91 -33.86 -0.76
CA ILE E 178 29.27 -33.76 -1.27
C ILE E 178 30.28 -33.64 -0.12
N HIS E 179 29.96 -32.93 0.94
CA HIS E 179 30.88 -32.88 2.07
C HIS E 179 30.98 -34.27 2.74
N ALA E 180 29.95 -35.10 2.59
CA ALA E 180 29.90 -36.44 3.19
C ALA E 180 30.46 -37.59 2.29
N GLY E 181 30.90 -37.25 1.07
CA GLY E 181 31.45 -38.21 0.11
C GLY E 181 30.38 -38.82 -0.79
N TYR E 182 29.21 -38.19 -0.84
CA TYR E 182 28.10 -38.62 -1.68
C TYR E 182 27.70 -37.48 -2.62
N GLN E 183 26.77 -37.76 -3.52
CA GLN E 183 26.23 -36.77 -4.44
C GLN E 183 24.73 -37.05 -4.73
N LEU E 184 23.97 -35.99 -5.02
CA LEU E 184 22.51 -36.09 -5.22
C LEU E 184 22.12 -35.82 -6.66
N SER E 185 21.30 -36.67 -7.25
CA SER E 185 20.61 -36.31 -8.50
C SER E 185 19.11 -36.57 -8.43
N TRP E 186 18.33 -35.58 -8.83
CA TRP E 186 16.91 -35.61 -8.72
C TRP E 186 16.26 -35.97 -10.08
N GLN E 187 17.03 -36.48 -11.05
CA GLN E 187 16.61 -36.49 -12.47
C GLN E 187 15.42 -37.41 -12.77
N GLY E 188 15.43 -38.64 -12.27
CA GLY E 188 14.37 -39.59 -12.61
C GLY E 188 13.18 -39.63 -11.68
N ILE E 189 13.01 -38.62 -10.83
CA ILE E 189 12.03 -38.69 -9.76
C ILE E 189 10.72 -38.03 -10.16
N GLU E 190 9.64 -38.78 -10.02
CA GLU E 190 8.34 -38.31 -10.41
C GLU E 190 7.79 -37.33 -9.34
N LYS E 191 7.15 -36.27 -9.81
CA LYS E 191 6.49 -35.28 -8.98
C LYS E 191 5.49 -35.86 -7.97
N GLU E 192 4.64 -36.76 -8.44
CA GLU E 192 3.57 -37.30 -7.63
C GLU E 192 4.14 -38.13 -6.51
N ALA E 193 5.12 -38.98 -6.84
CA ALA E 193 5.85 -39.80 -5.84
C ALA E 193 6.63 -38.96 -4.82
N TRP E 194 7.27 -37.89 -5.29
CA TRP E 194 8.00 -36.94 -4.42
C TRP E 194 7.05 -36.31 -3.39
N ASN E 195 5.95 -35.74 -3.85
CA ASN E 195 4.92 -35.18 -2.94
C ASN E 195 4.34 -36.18 -1.98
N GLN E 196 3.76 -37.27 -2.50
CA GLN E 196 3.26 -38.39 -1.68
C GLN E 196 4.27 -38.82 -0.64
N ALA E 197 5.53 -39.00 -1.05
CA ALA E 197 6.57 -39.43 -0.12
C ALA E 197 6.81 -38.41 1.01
N ASN E 198 6.77 -37.13 0.70
CA ASN E 198 6.91 -36.08 1.72
C ASN E 198 5.71 -35.98 2.62
N GLN E 199 4.53 -36.08 2.01
CA GLN E 199 3.25 -36.17 2.73
C GLN E 199 3.24 -37.25 3.79
N SER E 200 3.67 -38.45 3.43
CA SER E 200 3.59 -39.56 4.36
C SER E 200 4.72 -39.52 5.39
N GLY E 201 5.87 -38.96 5.01
CA GLY E 201 6.94 -38.65 5.99
C GLY E 201 6.53 -37.66 7.10
N ALA E 202 5.79 -36.61 6.77
CA ALA E 202 5.27 -35.71 7.78
C ALA E 202 4.31 -36.40 8.76
N MET E 203 3.62 -37.43 8.27
CA MET E 203 2.72 -38.25 9.05
C MET E 203 3.47 -39.38 9.77
N GLY E 204 4.79 -39.49 9.55
CA GLY E 204 5.64 -40.38 10.38
C GLY E 204 6.12 -41.66 9.71
N ASP E 205 5.86 -41.83 8.42
CA ASP E 205 6.26 -43.04 7.69
C ASP E 205 7.25 -42.56 6.64
N LEU E 206 8.52 -42.78 6.93
CA LEU E 206 9.60 -42.35 6.07
C LEU E 206 9.93 -43.34 4.92
N THR E 207 9.29 -44.51 4.91
CA THR E 207 9.58 -45.57 3.92
C THR E 207 9.70 -45.08 2.47
N ALA E 208 8.63 -44.45 1.95
CA ALA E 208 8.64 -43.92 0.56
C ALA E 208 9.75 -42.90 0.24
N LEU E 209 10.07 -42.06 1.21
CA LEU E 209 11.10 -41.02 1.07
C LEU E 209 12.49 -41.66 1.18
N GLN E 210 12.64 -42.68 2.02
CA GLN E 210 13.91 -43.43 2.10
C GLN E 210 14.23 -44.19 0.80
N MET E 211 13.22 -44.79 0.18
CA MET E 211 13.46 -45.45 -1.10
C MET E 211 13.74 -44.46 -2.24
N ILE E 212 13.14 -43.28 -2.21
CA ILE E 212 13.46 -42.26 -3.22
C ILE E 212 14.92 -41.80 -3.07
N PHE E 213 15.35 -41.62 -1.83
CA PHE E 213 16.70 -41.14 -1.60
C PHE E 213 17.75 -42.19 -1.93
N SER E 214 17.36 -43.47 -1.86
CA SER E 214 18.29 -44.55 -2.21
C SER E 214 18.55 -44.60 -3.74
N LYS E 215 17.62 -44.06 -4.51
CA LYS E 215 17.85 -43.73 -5.92
C LYS E 215 18.64 -42.42 -6.14
N VAL E 216 18.33 -41.39 -5.36
CA VAL E 216 18.95 -40.05 -5.50
C VAL E 216 20.44 -40.02 -5.13
N VAL E 217 20.85 -40.88 -4.20
CA VAL E 217 22.19 -40.86 -3.67
C VAL E 217 23.14 -41.80 -4.42
N SER E 218 24.38 -41.35 -4.62
CA SER E 218 25.51 -42.23 -5.07
C SER E 218 26.85 -41.68 -4.64
N THR F 18 40.97 -33.07 -2.09
CA THR F 18 39.54 -33.38 -2.32
C THR F 18 38.68 -32.14 -2.01
N ASP F 19 39.14 -31.22 -1.13
CA ASP F 19 38.56 -29.84 -1.05
C ASP F 19 38.35 -29.17 -2.44
N LYS F 20 39.40 -29.08 -3.27
CA LYS F 20 39.23 -28.56 -4.66
C LYS F 20 38.42 -29.51 -5.55
N GLN F 21 38.51 -30.82 -5.33
CA GLN F 21 37.78 -31.81 -6.14
C GLN F 21 36.27 -31.78 -5.86
N LYS F 22 35.92 -31.56 -4.59
CA LYS F 22 34.53 -31.35 -4.17
C LYS F 22 33.92 -30.13 -4.87
N SER F 23 34.68 -29.04 -4.92
CA SER F 23 34.20 -27.79 -5.52
C SER F 23 33.98 -27.97 -7.01
N ARG F 24 34.91 -28.65 -7.68
CA ARG F 24 34.79 -28.90 -9.10
C ARG F 24 33.52 -29.73 -9.35
N LEU F 25 33.32 -30.77 -8.53
CA LEU F 25 32.11 -31.60 -8.62
C LEU F 25 30.86 -30.75 -8.43
N TRP F 26 30.90 -29.84 -7.44
CA TRP F 26 29.77 -28.94 -7.18
C TRP F 26 29.44 -28.07 -8.42
N GLU F 27 30.47 -27.47 -8.99
CA GLU F 27 30.32 -26.58 -10.17
C GLU F 27 29.79 -27.31 -11.41
N LEU F 28 30.12 -28.60 -11.52
CA LEU F 28 29.63 -29.43 -12.61
C LEU F 28 28.17 -29.87 -12.44
N GLN F 29 27.72 -30.03 -11.20
CA GLN F 29 26.39 -30.58 -10.97
C GLN F 29 25.30 -29.55 -10.68
N ARG F 30 25.66 -28.38 -10.15
CA ARG F 30 24.65 -27.43 -9.65
C ARG F 30 23.54 -27.01 -10.61
N ASN F 31 23.86 -26.82 -11.89
CA ASN F 31 22.83 -26.35 -12.82
C ASN F 31 21.90 -27.43 -13.30
N ARG F 32 22.49 -28.60 -13.47
CA ARG F 32 21.78 -29.84 -13.68
C ARG F 32 20.79 -30.05 -12.53
N ASN F 33 21.28 -29.93 -11.30
CA ASN F 33 20.40 -30.13 -10.15
C ASN F 33 19.29 -29.14 -10.13
N PHE F 34 19.61 -27.87 -10.36
CA PHE F 34 18.60 -26.85 -10.25
C PHE F 34 17.49 -27.03 -11.26
N GLN F 35 17.86 -27.42 -12.46
CA GLN F 35 16.83 -27.78 -13.45
C GLN F 35 15.95 -28.98 -12.97
N ALA F 36 16.63 -30.03 -12.51
CA ALA F 36 15.95 -31.23 -11.98
C ALA F 36 15.05 -30.91 -10.76
N SER F 37 15.51 -29.99 -9.92
CA SER F 37 14.89 -29.70 -8.63
C SER F 37 13.65 -28.96 -8.91
N ARG F 38 13.72 -28.01 -9.84
CA ARG F 38 12.57 -27.24 -10.24
C ARG F 38 11.52 -28.13 -10.92
N ARG F 39 11.97 -29.07 -11.75
CA ARG F 39 11.06 -30.05 -12.36
C ARG F 39 10.31 -30.87 -11.29
N LEU F 40 10.95 -31.07 -10.13
CA LEU F 40 10.41 -31.88 -9.04
C LEU F 40 9.13 -31.27 -8.49
N GLY F 41 9.04 -29.96 -8.56
CA GLY F 41 7.84 -29.25 -8.15
C GLY F 41 6.95 -28.84 -9.31
N GLY F 42 7.15 -29.46 -10.46
CA GLY F 42 6.27 -29.27 -11.62
C GLY F 42 6.45 -28.05 -12.51
N VAL F 43 7.70 -27.63 -12.76
CA VAL F 43 8.01 -26.60 -13.77
C VAL F 43 9.27 -26.98 -14.58
N GLU F 44 9.12 -26.89 -15.91
CA GLU F 44 10.18 -27.18 -16.88
C GLU F 44 10.89 -25.88 -17.32
N MET F 45 12.19 -25.76 -17.07
CA MET F 45 12.98 -24.60 -17.59
C MET F 45 14.19 -25.08 -18.40
N PRO F 46 14.65 -24.28 -19.38
CA PRO F 46 15.91 -24.58 -20.05
C PRO F 46 17.07 -24.75 -19.06
N LEU F 47 17.99 -25.65 -19.34
CA LEU F 47 19.19 -25.83 -18.52
C LEU F 47 20.04 -24.55 -18.58
N VAL F 48 20.58 -24.13 -17.46
CA VAL F 48 21.57 -23.07 -17.45
C VAL F 48 22.95 -23.61 -17.79
N THR F 49 23.53 -23.11 -18.89
CA THR F 49 24.82 -23.59 -19.46
C THR F 49 26.01 -22.63 -19.21
N LEU F 50 25.70 -21.40 -18.77
CA LEU F 50 26.69 -20.34 -18.55
C LEU F 50 27.56 -20.57 -17.32
N THR F 51 28.71 -19.88 -17.30
CA THR F 51 29.57 -19.83 -16.13
C THR F 51 28.95 -18.87 -15.12
N ALA F 52 29.50 -18.87 -13.90
CA ALA F 52 29.07 -17.92 -12.88
C ALA F 52 29.13 -16.49 -13.41
N ALA F 53 30.29 -16.13 -13.96
CA ALA F 53 30.53 -14.76 -14.42
C ALA F 53 29.58 -14.41 -15.56
N GLU F 54 29.36 -15.36 -16.46
CA GLU F 54 28.46 -15.09 -17.56
C GLU F 54 27.03 -14.96 -17.05
N ALA F 55 26.66 -15.75 -16.05
CA ALA F 55 25.29 -15.68 -15.47
C ALA F 55 25.01 -14.33 -14.82
N LEU F 56 26.01 -13.83 -14.07
CA LEU F 56 25.98 -12.47 -13.50
C LEU F 56 25.79 -11.37 -14.52
N ALA F 57 26.39 -11.51 -15.70
CA ALA F 57 26.24 -10.54 -16.79
C ALA F 57 24.85 -10.54 -17.37
N ARG F 58 24.32 -11.73 -17.61
CA ARG F 58 22.96 -11.92 -18.10
C ARG F 58 21.95 -11.38 -17.10
N LEU F 59 22.17 -11.67 -15.82
CA LEU F 59 21.33 -11.17 -14.75
C LEU F 59 21.12 -9.65 -14.85
N GLU F 60 22.20 -8.88 -15.04
CA GLU F 60 22.12 -7.43 -15.30
C GLU F 60 21.25 -7.10 -16.52
N GLU F 61 21.43 -7.82 -17.63
CA GLU F 61 20.62 -7.61 -18.82
C GLU F 61 19.13 -7.83 -18.51
N LEU F 62 18.80 -8.95 -17.82
CA LEU F 62 17.38 -9.25 -17.47
C LEU F 62 16.80 -8.28 -16.44
N ARG F 63 17.60 -7.81 -15.48
CA ARG F 63 17.15 -6.75 -14.57
C ARG F 63 16.61 -5.50 -15.31
N SER F 64 17.24 -5.11 -16.42
CA SER F 64 16.81 -3.91 -17.17
C SER F 64 15.58 -4.23 -18.02
N HIS F 65 15.46 -5.47 -18.45
CA HIS F 65 14.23 -5.99 -19.09
C HIS F 65 13.00 -6.22 -18.16
N TYR F 66 13.25 -6.56 -16.88
CA TYR F 66 12.23 -6.99 -15.88
C TYR F 66 11.62 -8.33 -16.27
#